data_1R4A
#
_entry.id   1R4A
#
_cell.length_a   42.083
_cell.length_b   86.924
_cell.length_c   86.246
_cell.angle_alpha   118.11
_cell.angle_beta   99.65
_cell.angle_gamma   95.47
#
_symmetry.space_group_name_H-M   'P 1'
#
loop_
_entity.id
_entity.type
_entity.pdbx_description
1 polymer 'ADP-ribosylation factor-like protein 1'
2 polymer 'Golgi autoantigen, golgin subfamily A member 4'
3 non-polymer 'MAGNESIUM ION'
4 non-polymer 'PHOSPHOAMINOPHOSPHONIC ACID-GUANYLATE ESTER'
5 water water
#
loop_
_entity_poly.entity_id
_entity_poly.type
_entity_poly.pdbx_seq_one_letter_code
_entity_poly.pdbx_strand_id
1 'polypeptide(L)'
;REMRILILGLDGAGKTTILYRLQVGEVVTTIPTIGFNVETVTYKNLKFQVWDLGGQTSIRPYWRCYYSNTDAVIYVVDSC
DRDRIGISKSELVAMLEEEELRKAILVVFANKQDMEQAMTPSEMANALGLPALKDRKWQIFKTSATKGTGLDEAMEWLVE
TLKSR
;
A,B,C,D
2 'polypeptide(L)' PTEFEYLRKVLFEYMMGRETKTMAKVITTVLKFPDDQTQKILEREDARLMF E,F,G,H
#
# COMPACT_ATOMS: atom_id res chain seq x y z
N ARG A 1 6.59 29.85 -1.02
CA ARG A 1 7.34 28.73 -1.66
C ARG A 1 8.35 28.13 -0.67
N GLU A 2 8.43 26.80 -0.64
CA GLU A 2 9.32 26.10 0.27
C GLU A 2 10.64 25.72 -0.40
N MET A 3 11.69 26.48 -0.07
CA MET A 3 13.02 26.27 -0.61
C MET A 3 13.80 25.17 0.09
N ARG A 4 14.68 24.49 -0.64
CA ARG A 4 15.54 23.46 -0.06
C ARG A 4 16.98 23.92 -0.21
N ILE A 5 17.70 23.92 0.91
CA ILE A 5 19.08 24.37 0.98
C ILE A 5 20.06 23.22 1.29
N LEU A 6 21.23 23.24 0.66
CA LEU A 6 22.26 22.22 0.90
C LEU A 6 23.44 22.86 1.63
N ILE A 7 23.84 22.28 2.76
CA ILE A 7 24.98 22.78 3.55
C ILE A 7 26.15 21.90 3.14
N LEU A 8 27.16 22.50 2.50
CA LEU A 8 28.31 21.74 2.02
C LEU A 8 29.64 22.25 2.54
N GLY A 9 30.70 21.48 2.31
CA GLY A 9 32.02 21.85 2.79
C GLY A 9 32.83 20.66 3.32
N LEU A 10 34.14 20.80 3.43
CA LEU A 10 34.98 19.72 3.93
C LEU A 10 34.60 19.22 5.33
N ASP A 11 35.17 18.07 5.69
CA ASP A 11 34.94 17.42 6.99
C ASP A 11 35.52 18.23 8.14
N GLY A 12 34.73 18.39 9.20
CA GLY A 12 35.17 19.13 10.38
C GLY A 12 34.98 20.65 10.33
N ALA A 13 34.25 21.16 9.34
CA ALA A 13 34.03 22.59 9.22
C ALA A 13 33.01 23.12 10.24
N GLY A 14 31.98 22.32 10.51
CA GLY A 14 30.94 22.71 11.45
C GLY A 14 29.56 22.62 10.85
N LYS A 15 29.47 21.98 9.68
CA LYS A 15 28.21 21.83 8.95
C LYS A 15 27.07 21.31 9.85
N THR A 16 27.29 20.16 10.47
CA THR A 16 26.27 19.59 11.34
C THR A 16 25.93 20.58 12.47
N THR A 17 26.96 21.08 13.15
CA THR A 17 26.74 22.03 14.25
C THR A 17 25.88 23.23 13.82
N ILE A 18 26.14 23.77 12.63
CA ILE A 18 25.37 24.92 12.12
C ILE A 18 23.89 24.58 11.85
N LEU A 19 23.62 23.39 11.31
CA LEU A 19 22.24 22.99 11.01
C LEU A 19 21.33 23.06 12.23
N TYR A 20 21.74 22.43 13.32
CA TYR A 20 20.91 22.44 14.51
C TYR A 20 20.94 23.78 15.23
N ARG A 21 21.99 24.57 15.01
CA ARG A 21 22.06 25.88 15.63
C ARG A 21 20.89 26.68 15.05
N LEU A 22 20.54 26.36 13.81
CA LEU A 22 19.41 27.01 13.15
C LEU A 22 18.18 26.20 13.52
N GLN A 23 17.09 26.87 13.88
CA GLN A 23 15.87 26.18 14.26
C GLN A 23 16.11 25.27 15.48
N VAL A 24 16.67 25.83 16.55
CA VAL A 24 16.97 25.13 17.81
C VAL A 24 18.09 25.87 18.55
N GLY A 25 18.13 25.72 19.87
CA GLY A 25 19.16 26.38 20.66
C GLY A 25 20.55 26.01 20.16
N GLU A 26 21.13 24.97 20.76
CA GLU A 26 22.45 24.49 20.38
C GLU A 26 23.07 23.52 21.37
N VAL A 27 23.55 22.40 20.83
CA VAL A 27 24.20 21.33 21.58
C VAL A 27 25.03 20.58 20.55
N VAL A 28 26.31 20.96 20.49
CA VAL A 28 27.24 20.36 19.54
C VAL A 28 27.47 18.87 19.78
N THR A 29 26.45 18.20 20.32
CA THR A 29 26.53 16.77 20.53
C THR A 29 26.62 16.29 19.09
N THR A 30 27.84 16.20 18.57
CA THR A 30 28.06 15.81 17.19
C THR A 30 29.20 14.80 16.98
N ILE A 31 29.03 13.95 15.97
CA ILE A 31 30.02 12.95 15.58
C ILE A 31 30.15 13.08 14.07
N PRO A 32 31.24 12.55 13.48
CA PRO A 32 31.34 12.67 12.02
C PRO A 32 30.06 12.18 11.34
N THR A 33 29.64 12.86 10.27
CA THR A 33 28.42 12.48 9.58
C THR A 33 28.69 11.62 8.35
N ILE A 34 28.66 10.30 8.55
CA ILE A 34 28.88 9.34 7.47
C ILE A 34 27.54 9.05 6.82
N GLY A 35 27.04 10.06 6.13
CA GLY A 35 25.75 10.01 5.47
C GLY A 35 25.23 11.46 5.42
N PHE A 36 24.06 11.70 5.98
CA PHE A 36 23.53 13.05 5.94
C PHE A 36 22.44 13.28 6.98
N ASN A 37 22.11 14.55 7.19
CA ASN A 37 21.05 14.96 8.12
C ASN A 37 20.11 15.87 7.35
N VAL A 38 18.81 15.77 7.60
CA VAL A 38 17.82 16.62 6.94
C VAL A 38 16.85 17.14 7.99
N GLU A 39 16.72 18.47 8.07
CA GLU A 39 15.82 19.06 9.05
C GLU A 39 15.02 20.21 8.45
N THR A 40 13.84 20.46 9.00
CA THR A 40 12.98 21.53 8.53
C THR A 40 13.25 22.77 9.39
N VAL A 41 13.70 23.85 8.75
CA VAL A 41 13.99 25.08 9.47
C VAL A 41 13.09 26.25 9.07
N THR A 42 12.67 27.00 10.08
CA THR A 42 11.80 28.15 9.88
C THR A 42 12.53 29.43 10.30
N TYR A 43 12.59 30.40 9.40
CA TYR A 43 13.28 31.65 9.71
C TYR A 43 12.25 32.75 9.96
N LYS A 44 12.10 33.64 8.99
CA LYS A 44 11.13 34.72 9.10
C LYS A 44 9.80 34.08 8.69
N ASN A 45 9.28 33.25 9.60
CA ASN A 45 8.03 32.51 9.41
C ASN A 45 8.04 31.67 8.12
N LEU A 46 9.18 31.66 7.44
CA LEU A 46 9.32 30.89 6.21
C LEU A 46 9.73 29.46 6.53
N LYS A 47 9.69 28.58 5.53
CA LYS A 47 10.00 27.17 5.73
C LYS A 47 11.07 26.65 4.77
N PHE A 48 12.00 25.85 5.27
CA PHE A 48 13.05 25.28 4.44
C PHE A 48 13.43 23.83 4.80
N GLN A 49 13.70 23.02 3.78
CA GLN A 49 14.13 21.65 3.99
C GLN A 49 15.65 21.71 3.81
N VAL A 50 16.37 21.74 4.92
CA VAL A 50 17.83 21.86 4.89
C VAL A 50 18.59 20.52 4.95
N TRP A 51 19.48 20.32 3.98
CA TRP A 51 20.29 19.10 3.91
C TRP A 51 21.75 19.35 4.31
N ASP A 52 22.25 18.59 5.28
CA ASP A 52 23.63 18.70 5.74
C ASP A 52 24.36 17.40 5.35
N LEU A 53 25.25 17.51 4.36
CA LEU A 53 25.99 16.33 3.85
C LEU A 53 27.40 16.19 4.41
N GLY A 54 27.73 14.98 4.87
CA GLY A 54 29.05 14.69 5.43
C GLY A 54 30.13 14.95 4.40
N GLY A 55 31.25 15.50 4.84
CA GLY A 55 32.29 15.85 3.91
C GLY A 55 33.64 15.17 3.85
N GLN A 56 33.86 14.06 4.55
CA GLN A 56 35.18 13.44 4.41
C GLN A 56 35.38 12.96 2.99
N THR A 57 36.63 12.77 2.62
CA THR A 57 37.04 12.36 1.27
C THR A 57 36.19 11.39 0.44
N SER A 58 36.15 10.13 0.84
CA SER A 58 35.42 9.09 0.12
C SER A 58 33.95 9.34 -0.22
N ILE A 59 33.23 10.12 0.59
CA ILE A 59 31.82 10.36 0.31
C ILE A 59 31.49 11.68 -0.41
N ARG A 60 32.45 12.59 -0.48
CA ARG A 60 32.26 13.88 -1.14
C ARG A 60 31.81 13.70 -2.61
N PRO A 61 32.36 12.70 -3.31
CA PRO A 61 31.97 12.48 -4.71
C PRO A 61 30.49 12.25 -4.95
N TYR A 62 29.74 11.97 -3.88
CA TYR A 62 28.33 11.73 -4.00
C TYR A 62 27.48 12.97 -3.73
N TRP A 63 28.14 14.12 -3.51
CA TRP A 63 27.40 15.37 -3.28
C TRP A 63 26.47 15.70 -4.44
N ARG A 64 26.99 15.62 -5.66
CA ARG A 64 26.17 15.97 -6.83
C ARG A 64 24.85 15.21 -6.98
N CYS A 65 24.68 14.11 -6.25
CA CYS A 65 23.45 13.33 -6.31
C CYS A 65 22.27 14.05 -5.68
N TYR A 66 22.54 15.10 -4.92
CA TYR A 66 21.47 15.86 -4.25
C TYR A 66 21.19 17.26 -4.83
N TYR A 67 21.99 17.67 -5.82
CA TYR A 67 21.87 19.01 -6.42
C TYR A 67 20.56 19.35 -7.11
N SER A 68 19.81 18.34 -7.52
CA SER A 68 18.55 18.58 -8.18
C SER A 68 17.65 19.49 -7.32
N ASN A 69 17.00 20.45 -7.97
CA ASN A 69 16.08 21.37 -7.31
C ASN A 69 16.61 22.10 -6.07
N THR A 70 17.87 22.52 -6.11
CA THR A 70 18.48 23.25 -4.99
C THR A 70 18.35 24.77 -5.17
N ASP A 71 17.81 25.44 -4.16
CA ASP A 71 17.63 26.89 -4.20
C ASP A 71 18.90 27.67 -3.79
N ALA A 72 19.59 27.16 -2.77
CA ALA A 72 20.81 27.82 -2.29
C ALA A 72 21.79 26.87 -1.62
N VAL A 73 23.05 27.28 -1.58
CA VAL A 73 24.12 26.52 -0.96
C VAL A 73 24.86 27.26 0.17
N ILE A 74 24.74 26.78 1.40
CA ILE A 74 25.49 27.38 2.50
C ILE A 74 26.78 26.55 2.53
N TYR A 75 27.89 27.16 2.11
CA TYR A 75 29.20 26.50 2.06
C TYR A 75 30.06 26.86 3.29
N VAL A 76 30.22 25.90 4.19
CA VAL A 76 30.98 26.09 5.44
C VAL A 76 32.46 25.86 5.27
N VAL A 77 33.26 26.81 5.76
CA VAL A 77 34.70 26.71 5.66
C VAL A 77 35.41 26.96 6.99
N ASP A 78 36.29 26.04 7.37
CA ASP A 78 37.03 26.15 8.62
C ASP A 78 38.03 27.29 8.46
N SER A 79 37.86 28.34 9.27
CA SER A 79 38.74 29.50 9.25
C SER A 79 40.21 29.24 9.61
N CYS A 80 40.47 28.33 10.55
CA CYS A 80 41.85 28.04 10.95
C CYS A 80 42.60 27.03 10.08
N ASP A 81 41.87 26.21 9.34
CA ASP A 81 42.51 25.20 8.49
C ASP A 81 43.21 25.81 7.26
N ARG A 82 44.39 26.38 7.47
CA ARG A 82 45.13 26.96 6.36
C ARG A 82 45.65 25.92 5.36
N ASP A 83 46.00 24.74 5.83
CA ASP A 83 46.51 23.70 4.95
C ASP A 83 45.50 23.21 3.91
N ARG A 84 44.22 23.15 4.29
CA ARG A 84 43.19 22.66 3.38
C ARG A 84 42.23 23.66 2.72
N ILE A 85 42.56 24.95 2.73
CA ILE A 85 41.65 25.90 2.09
C ILE A 85 41.69 25.74 0.57
N GLY A 86 42.85 25.30 0.05
CA GLY A 86 42.97 25.10 -1.38
C GLY A 86 42.07 23.98 -1.88
N ILE A 87 41.82 22.99 -1.04
CA ILE A 87 40.96 21.87 -1.42
C ILE A 87 39.51 22.35 -1.40
N SER A 88 39.16 23.17 -0.42
CA SER A 88 37.80 23.70 -0.35
C SER A 88 37.48 24.40 -1.66
N LYS A 89 38.48 25.06 -2.21
CA LYS A 89 38.26 25.77 -3.47
C LYS A 89 37.96 24.78 -4.59
N SER A 90 38.76 23.72 -4.67
CA SER A 90 38.55 22.70 -5.70
C SER A 90 37.09 22.22 -5.67
N GLU A 91 36.58 21.93 -4.48
CA GLU A 91 35.20 21.46 -4.36
C GLU A 91 34.20 22.53 -4.81
N LEU A 92 34.40 23.77 -4.34
CA LEU A 92 33.50 24.86 -4.71
C LEU A 92 33.45 25.10 -6.22
N VAL A 93 34.62 25.03 -6.87
CA VAL A 93 34.68 25.24 -8.31
C VAL A 93 33.97 24.10 -9.05
N ALA A 94 34.10 22.88 -8.54
CA ALA A 94 33.47 21.74 -9.19
C ALA A 94 31.95 21.88 -9.22
N MET A 95 31.37 22.15 -8.06
CA MET A 95 29.92 22.27 -7.99
C MET A 95 29.34 23.46 -8.76
N LEU A 96 30.09 24.55 -8.92
CA LEU A 96 29.57 25.70 -9.65
C LEU A 96 29.42 25.44 -11.15
N GLU A 97 30.13 24.42 -11.64
CA GLU A 97 30.04 24.08 -13.07
C GLU A 97 28.76 23.29 -13.31
N GLU A 98 28.33 22.62 -12.26
CA GLU A 98 27.13 21.78 -12.29
C GLU A 98 25.93 22.56 -12.82
N GLU A 99 25.35 22.04 -13.89
CA GLU A 99 24.20 22.65 -14.56
C GLU A 99 22.92 22.77 -13.71
N GLU A 100 22.77 21.92 -12.70
CA GLU A 100 21.57 21.99 -11.88
C GLU A 100 21.66 23.05 -10.77
N LEU A 101 22.85 23.63 -10.60
CA LEU A 101 23.05 24.65 -9.57
C LEU A 101 23.16 26.06 -10.16
N ARG A 102 23.04 26.17 -11.48
CA ARG A 102 23.14 27.47 -12.16
C ARG A 102 22.39 28.62 -11.49
N LYS A 103 21.14 28.41 -11.12
CA LYS A 103 20.35 29.48 -10.51
C LYS A 103 20.36 29.55 -8.98
N ALA A 104 21.07 28.62 -8.34
CA ALA A 104 21.17 28.61 -6.88
C ALA A 104 22.12 29.71 -6.41
N ILE A 105 21.81 30.35 -5.29
CA ILE A 105 22.71 31.39 -4.80
C ILE A 105 23.70 30.82 -3.78
N LEU A 106 24.85 31.46 -3.69
CA LEU A 106 25.93 31.02 -2.79
C LEU A 106 26.17 31.90 -1.55
N VAL A 107 26.15 31.28 -0.38
CA VAL A 107 26.42 31.98 0.87
C VAL A 107 27.56 31.26 1.58
N VAL A 108 28.72 31.91 1.70
CA VAL A 108 29.87 31.29 2.36
C VAL A 108 29.94 31.64 3.85
N PHE A 109 30.11 30.63 4.71
CA PHE A 109 30.24 30.86 6.15
C PHE A 109 31.69 30.66 6.61
N ALA A 110 32.40 31.74 6.96
CA ALA A 110 33.76 31.60 7.45
C ALA A 110 33.57 31.27 8.93
N ASN A 111 33.44 29.97 9.21
CA ASN A 111 33.17 29.48 10.57
C ASN A 111 34.36 29.41 11.52
N LYS A 112 34.04 29.33 12.81
CA LYS A 112 35.04 29.26 13.87
C LYS A 112 35.82 30.57 14.05
N GLN A 113 35.15 31.70 13.80
CA GLN A 113 35.82 32.99 13.95
C GLN A 113 36.07 33.32 15.42
N ASP A 114 35.70 32.39 16.31
CA ASP A 114 35.94 32.60 17.73
C ASP A 114 37.34 32.10 18.13
N MET A 115 38.05 31.50 17.18
CA MET A 115 39.40 30.99 17.44
C MET A 115 40.44 32.03 17.04
N GLU A 116 41.26 32.42 18.01
CA GLU A 116 42.27 33.45 17.78
C GLU A 116 43.14 33.24 16.54
N GLN A 117 43.15 32.04 15.98
CA GLN A 117 43.97 31.81 14.79
C GLN A 117 43.21 31.77 13.46
N ALA A 118 41.92 32.08 13.51
CA ALA A 118 41.08 32.08 12.31
C ALA A 118 41.52 33.16 11.31
N MET A 119 41.56 32.80 10.03
CA MET A 119 41.94 33.77 9.00
C MET A 119 40.79 34.75 8.82
N THR A 120 41.04 35.84 8.10
CA THR A 120 40.01 36.86 7.87
C THR A 120 39.15 36.56 6.67
N PRO A 121 37.88 36.99 6.70
CA PRO A 121 36.95 36.77 5.59
C PRO A 121 37.53 37.22 4.25
N SER A 122 38.33 38.29 4.28
CA SER A 122 38.94 38.80 3.05
C SER A 122 40.01 37.83 2.56
N GLU A 123 40.78 37.27 3.49
CA GLU A 123 41.80 36.30 3.14
C GLU A 123 41.14 35.08 2.50
N MET A 124 40.13 34.55 3.18
CA MET A 124 39.40 33.39 2.69
C MET A 124 38.75 33.69 1.34
N ALA A 125 38.05 34.82 1.25
CA ALA A 125 37.38 35.19 0.01
C ALA A 125 38.30 35.16 -1.22
N ASN A 126 39.50 35.74 -1.10
CA ASN A 126 40.46 35.76 -2.21
C ASN A 126 41.02 34.38 -2.53
N ALA A 127 41.28 33.60 -1.48
CA ALA A 127 41.81 32.24 -1.63
C ALA A 127 40.80 31.33 -2.31
N LEU A 128 39.51 31.59 -2.09
CA LEU A 128 38.47 30.78 -2.69
C LEU A 128 38.13 31.27 -4.08
N GLY A 129 38.62 32.45 -4.44
CA GLY A 129 38.34 33.00 -5.76
C GLY A 129 36.96 33.61 -5.90
N LEU A 130 36.37 34.04 -4.79
CA LEU A 130 35.04 34.66 -4.84
C LEU A 130 35.06 36.01 -5.58
N PRO A 131 36.15 36.78 -5.45
CA PRO A 131 36.19 38.07 -6.15
C PRO A 131 36.02 37.96 -7.65
N ALA A 132 36.13 36.75 -8.19
CA ALA A 132 36.00 36.55 -9.63
C ALA A 132 34.71 35.90 -10.07
N LEU A 133 33.77 35.70 -9.16
CA LEU A 133 32.51 35.05 -9.51
C LEU A 133 31.65 35.81 -10.53
N LYS A 134 31.25 35.13 -11.59
CA LYS A 134 30.44 35.70 -12.67
C LYS A 134 29.07 35.05 -12.87
N ASP A 135 28.02 35.88 -12.84
CA ASP A 135 26.64 35.42 -13.00
C ASP A 135 26.19 34.79 -11.70
N ARG A 136 26.90 35.10 -10.63
CA ARG A 136 26.61 34.56 -9.32
C ARG A 136 26.32 35.60 -8.24
N LYS A 137 25.32 35.29 -7.43
CA LYS A 137 24.93 36.14 -6.32
C LYS A 137 25.59 35.46 -5.13
N TRP A 138 26.54 36.15 -4.49
CA TRP A 138 27.23 35.57 -3.34
C TRP A 138 27.66 36.58 -2.29
N GLN A 139 27.90 36.08 -1.09
CA GLN A 139 28.36 36.92 0.00
C GLN A 139 29.02 36.04 1.06
N ILE A 140 29.99 36.59 1.76
CA ILE A 140 30.68 35.82 2.80
C ILE A 140 30.51 36.49 4.15
N PHE A 141 30.27 35.68 5.17
CA PHE A 141 30.09 36.15 6.53
C PHE A 141 30.97 35.31 7.44
N LYS A 142 31.27 35.84 8.62
CA LYS A 142 32.09 35.09 9.56
C LYS A 142 31.15 34.65 10.67
N THR A 143 31.28 33.39 11.07
CA THR A 143 30.41 32.84 12.10
C THR A 143 31.11 32.00 13.15
N SER A 144 30.33 31.56 14.11
CA SER A 144 30.79 30.70 15.19
C SER A 144 29.57 29.90 15.64
N ALA A 145 29.52 28.63 15.22
CA ALA A 145 28.42 27.72 15.55
C ALA A 145 28.35 27.49 17.06
N THR A 146 29.52 27.36 17.67
CA THR A 146 29.60 27.15 19.11
C THR A 146 29.11 28.35 19.92
N LYS A 147 29.54 29.56 19.54
CA LYS A 147 29.15 30.77 20.26
C LYS A 147 27.82 31.30 19.74
N GLY A 148 27.39 30.77 18.59
CA GLY A 148 26.15 31.22 18.00
C GLY A 148 26.15 32.66 17.51
N THR A 149 27.23 33.07 16.82
CA THR A 149 27.33 34.44 16.29
C THR A 149 27.52 34.52 14.78
N GLY A 150 26.98 35.58 14.19
CA GLY A 150 27.10 35.79 12.75
C GLY A 150 26.09 35.03 11.92
N LEU A 151 25.39 34.08 12.53
CA LEU A 151 24.41 33.27 11.81
C LEU A 151 23.19 34.07 11.37
N ASP A 152 22.62 34.83 12.30
CA ASP A 152 21.44 35.63 11.98
C ASP A 152 21.68 36.51 10.76
N GLU A 153 22.82 37.17 10.74
CA GLU A 153 23.15 38.05 9.63
C GLU A 153 23.14 37.32 8.29
N ALA A 154 23.86 36.22 8.23
CA ALA A 154 23.94 35.41 7.02
C ALA A 154 22.56 35.05 6.50
N MET A 155 21.71 34.51 7.38
CA MET A 155 20.37 34.11 6.99
C MET A 155 19.53 35.26 6.45
N GLU A 156 19.70 36.44 7.04
CA GLU A 156 18.98 37.63 6.61
C GLU A 156 19.30 37.92 5.14
N TRP A 157 20.57 37.81 4.81
CA TRP A 157 21.05 38.07 3.47
C TRP A 157 20.56 37.00 2.48
N LEU A 158 20.57 35.75 2.92
CA LEU A 158 20.13 34.63 2.09
C LEU A 158 18.64 34.70 1.78
N VAL A 159 17.83 34.83 2.81
CA VAL A 159 16.39 34.88 2.65
C VAL A 159 15.95 36.03 1.74
N GLU A 160 16.54 37.20 1.94
CA GLU A 160 16.16 38.34 1.12
C GLU A 160 16.67 38.22 -0.30
N THR A 161 17.86 37.65 -0.48
CA THR A 161 18.41 37.52 -1.82
C THR A 161 17.54 36.62 -2.68
N LEU A 162 16.95 35.58 -2.08
CA LEU A 162 16.11 34.70 -2.86
C LEU A 162 14.67 35.20 -2.94
N LYS A 163 14.24 35.97 -1.93
CA LYS A 163 12.90 36.53 -1.94
C LYS A 163 12.74 37.39 -3.19
N SER A 164 13.87 37.83 -3.74
CA SER A 164 13.88 38.63 -4.95
C SER A 164 13.81 37.68 -6.14
N ARG A 165 14.99 37.25 -6.60
CA ARG A 165 15.10 36.32 -7.72
C ARG A 165 14.43 36.85 -8.99
N PRO B 1 35.02 1.13 3.06
CA PRO B 1 34.60 0.92 4.46
C PRO B 1 33.74 2.05 4.97
N THR B 2 34.15 3.27 4.65
CA THR B 2 33.41 4.47 5.05
C THR B 2 32.22 4.56 4.10
N GLU B 3 32.41 4.07 2.89
CA GLU B 3 31.35 4.07 1.90
C GLU B 3 30.32 2.99 2.25
N PHE B 4 30.75 1.95 2.96
CA PHE B 4 29.83 0.90 3.34
C PHE B 4 28.83 1.38 4.37
N GLU B 5 29.30 2.10 5.39
CA GLU B 5 28.37 2.59 6.40
C GLU B 5 27.49 3.61 5.68
N TYR B 6 28.09 4.30 4.72
CA TYR B 6 27.38 5.31 3.94
C TYR B 6 26.21 4.63 3.21
N LEU B 7 26.55 3.62 2.41
CA LEU B 7 25.56 2.88 1.63
C LEU B 7 24.44 2.36 2.51
N ARG B 8 24.82 1.83 3.67
CA ARG B 8 23.84 1.30 4.60
C ARG B 8 22.92 2.38 5.10
N LYS B 9 23.49 3.54 5.36
CA LYS B 9 22.73 4.67 5.86
C LYS B 9 21.72 5.10 4.81
N VAL B 10 22.18 5.20 3.57
CA VAL B 10 21.32 5.61 2.46
C VAL B 10 20.23 4.58 2.13
N LEU B 11 20.63 3.31 2.10
CA LEU B 11 19.72 2.20 1.79
C LEU B 11 18.58 2.16 2.82
N PHE B 12 18.94 2.35 4.09
CA PHE B 12 17.96 2.36 5.17
C PHE B 12 16.87 3.40 4.88
N GLU B 13 17.28 4.63 4.64
CA GLU B 13 16.37 5.73 4.33
C GLU B 13 15.45 5.34 3.16
N TYR B 14 16.06 4.86 2.08
CA TYR B 14 15.30 4.44 0.91
C TYR B 14 14.29 3.37 1.28
N MET B 15 14.75 2.28 1.86
CA MET B 15 13.88 1.17 2.24
C MET B 15 12.77 1.56 3.22
N MET B 16 12.95 2.69 3.91
CA MET B 16 11.94 3.16 4.85
C MET B 16 10.96 4.13 4.17
N GLY B 17 11.11 4.26 2.85
CA GLY B 17 10.24 5.14 2.07
C GLY B 17 10.49 6.64 2.17
N ARG B 18 11.66 7.06 2.64
CA ARG B 18 12.00 8.48 2.78
C ARG B 18 12.87 9.06 1.65
N GLU B 19 12.35 10.06 0.95
CA GLU B 19 13.11 10.70 -0.13
C GLU B 19 13.66 9.66 -1.11
N THR B 20 12.82 8.69 -1.46
CA THR B 20 13.20 7.60 -2.35
C THR B 20 13.90 7.99 -3.66
N LYS B 21 13.41 9.03 -4.33
CA LYS B 21 13.99 9.44 -5.60
C LYS B 21 15.44 9.91 -5.47
N THR B 22 15.78 10.61 -4.39
CA THR B 22 17.18 11.05 -4.24
C THR B 22 18.02 9.84 -3.87
N MET B 23 17.55 9.07 -2.89
CA MET B 23 18.29 7.87 -2.46
C MET B 23 18.60 6.98 -3.65
N ALA B 24 17.61 6.80 -4.52
CA ALA B 24 17.78 5.96 -5.71
C ALA B 24 18.97 6.44 -6.53
N LYS B 25 19.10 7.76 -6.64
CA LYS B 25 20.22 8.32 -7.38
C LYS B 25 21.56 8.00 -6.74
N VAL B 26 21.69 8.14 -5.43
CA VAL B 26 22.98 7.84 -4.80
C VAL B 26 23.30 6.34 -4.75
N ILE B 27 22.30 5.49 -4.53
CA ILE B 27 22.55 4.05 -4.48
C ILE B 27 23.13 3.56 -5.81
N THR B 28 22.46 3.91 -6.92
CA THR B 28 22.91 3.48 -8.24
C THR B 28 24.25 4.07 -8.65
N THR B 29 24.64 5.19 -8.05
CA THR B 29 25.92 5.82 -8.37
C THR B 29 27.03 5.17 -7.55
N VAL B 30 26.75 4.93 -6.28
CA VAL B 30 27.73 4.31 -5.39
C VAL B 30 28.09 2.89 -5.86
N LEU B 31 27.07 2.10 -6.20
CA LEU B 31 27.29 0.72 -6.67
C LEU B 31 27.53 0.61 -8.17
N LYS B 32 27.73 1.76 -8.83
CA LYS B 32 28.03 1.82 -10.26
C LYS B 32 27.15 0.95 -11.18
N PHE B 33 25.83 1.09 -11.09
CA PHE B 33 24.93 0.32 -11.94
C PHE B 33 25.07 0.78 -13.39
N PRO B 34 24.73 -0.08 -14.36
CA PRO B 34 24.82 0.26 -15.79
C PRO B 34 23.72 1.24 -16.19
N ASP B 35 24.03 2.13 -17.13
CA ASP B 35 23.05 3.12 -17.58
C ASP B 35 21.62 2.60 -17.76
N ASP B 36 21.48 1.50 -18.49
CA ASP B 36 20.17 0.93 -18.76
C ASP B 36 19.35 0.68 -17.48
N GLN B 37 19.89 -0.14 -16.57
CA GLN B 37 19.22 -0.48 -15.32
C GLN B 37 18.97 0.76 -14.44
N THR B 38 19.91 1.68 -14.43
CA THR B 38 19.76 2.89 -13.64
C THR B 38 18.58 3.70 -14.20
N GLN B 39 18.43 3.74 -15.51
CA GLN B 39 17.35 4.50 -16.13
C GLN B 39 16.02 3.80 -15.92
N LYS B 40 16.05 2.47 -15.89
CA LYS B 40 14.84 1.69 -15.67
C LYS B 40 14.34 1.99 -14.25
N ILE B 41 15.28 2.08 -13.32
CA ILE B 41 14.96 2.36 -11.92
C ILE B 41 14.44 3.80 -11.76
N LEU B 42 15.19 4.76 -12.30
CA LEU B 42 14.80 6.18 -12.22
C LEU B 42 13.85 6.47 -13.37
N GLU B 43 12.59 6.12 -13.17
CA GLU B 43 11.52 6.31 -14.16
C GLU B 43 10.34 5.68 -13.46
N ARG B 44 10.63 4.51 -12.89
CA ARG B 44 9.64 3.80 -12.13
C ARG B 44 9.54 4.68 -10.89
N GLU B 45 10.68 5.22 -10.50
CA GLU B 45 10.77 6.09 -9.36
C GLU B 45 9.96 7.36 -9.65
N ASP B 46 10.14 7.91 -10.87
CA ASP B 46 9.39 9.10 -11.28
C ASP B 46 7.89 8.83 -11.30
N ALA B 47 7.51 7.73 -11.94
CA ALA B 47 6.10 7.35 -12.04
C ALA B 47 5.49 7.18 -10.64
N ARG B 48 6.33 7.20 -9.63
CA ARG B 48 5.91 7.07 -8.24
C ARG B 48 5.59 8.44 -7.63
N LEU B 49 6.33 9.46 -8.06
CA LEU B 49 6.14 10.83 -7.54
C LEU B 49 4.78 11.44 -7.86
N MET B 50 4.05 10.81 -8.78
CA MET B 50 2.72 11.29 -9.15
C MET B 50 1.75 10.99 -8.02
N PHE B 51 2.27 10.33 -6.99
CA PHE B 51 1.47 9.95 -5.84
C PHE B 51 2.23 10.22 -4.55
N ARG C 1 -7.62 -24.44 -17.26
CA ARG C 1 -8.54 -23.29 -17.02
C ARG C 1 -9.30 -23.47 -15.72
N GLU C 2 -9.45 -22.38 -14.96
CA GLU C 2 -10.16 -22.43 -13.69
C GLU C 2 -11.56 -21.88 -13.86
N MET C 3 -12.55 -22.77 -13.77
CA MET C 3 -13.94 -22.41 -13.93
C MET C 3 -14.48 -21.80 -12.63
N ARG C 4 -15.58 -21.07 -12.74
CA ARG C 4 -16.22 -20.52 -11.56
C ARG C 4 -17.67 -20.98 -11.59
N ILE C 5 -18.14 -21.49 -10.47
CA ILE C 5 -19.50 -22.00 -10.34
C ILE C 5 -20.34 -21.23 -9.34
N LEU C 6 -21.65 -21.20 -9.59
CA LEU C 6 -22.58 -20.54 -8.69
C LEU C 6 -23.53 -21.61 -8.14
N ILE C 7 -23.75 -21.62 -6.83
CA ILE C 7 -24.69 -22.56 -6.23
C ILE C 7 -25.90 -21.71 -5.84
N LEU C 8 -26.97 -21.80 -6.62
CA LEU C 8 -28.17 -21.00 -6.36
C LEU C 8 -29.35 -21.85 -5.85
N GLY C 9 -30.43 -21.20 -5.44
CA GLY C 9 -31.59 -21.91 -4.94
C GLY C 9 -32.29 -21.21 -3.78
N LEU C 10 -33.50 -21.66 -3.43
CA LEU C 10 -34.24 -21.03 -2.33
C LEU C 10 -33.63 -21.30 -0.96
N ASP C 11 -33.98 -20.47 0.02
CA ASP C 11 -33.50 -20.65 1.38
C ASP C 11 -33.93 -22.05 1.82
N GLY C 12 -33.04 -22.77 2.50
CA GLY C 12 -33.37 -24.10 2.99
C GLY C 12 -33.00 -25.28 2.09
N ALA C 13 -32.91 -25.05 0.78
CA ALA C 13 -32.58 -26.12 -0.18
C ALA C 13 -31.37 -26.94 0.19
N GLY C 14 -30.45 -26.34 0.94
CA GLY C 14 -29.25 -27.04 1.37
C GLY C 14 -27.95 -26.65 0.67
N LYS C 15 -27.94 -25.46 0.05
CA LYS C 15 -26.77 -24.98 -0.68
C LYS C 15 -25.44 -24.91 0.10
N THR C 16 -25.46 -24.37 1.32
CA THR C 16 -24.24 -24.28 2.11
C THR C 16 -23.75 -25.66 2.51
N THR C 17 -24.67 -26.50 2.98
CA THR C 17 -24.31 -27.85 3.39
C THR C 17 -23.62 -28.58 2.25
N ILE C 18 -24.05 -28.32 1.03
CA ILE C 18 -23.45 -28.96 -0.15
C ILE C 18 -22.03 -28.45 -0.37
N LEU C 19 -21.87 -27.13 -0.38
CA LEU C 19 -20.55 -26.51 -0.58
C LEU C 19 -19.44 -27.10 0.31
N TYR C 20 -19.72 -27.21 1.60
CA TYR C 20 -18.71 -27.74 2.49
C TYR C 20 -18.62 -29.26 2.44
N ARG C 21 -19.63 -29.90 1.87
CA ARG C 21 -19.62 -31.34 1.72
C ARG C 21 -18.60 -31.63 0.61
N LEU C 22 -18.50 -30.71 -0.35
CA LEU C 22 -17.54 -30.83 -1.44
C LEU C 22 -16.23 -30.25 -0.93
N GLN C 23 -15.11 -30.88 -1.28
CA GLN C 23 -13.79 -30.41 -0.82
C GLN C 23 -13.84 -30.18 0.70
N VAL C 24 -13.91 -31.30 1.43
CA VAL C 24 -13.99 -31.39 2.90
C VAL C 24 -14.93 -32.52 3.26
N GLY C 25 -14.72 -33.13 4.42
CA GLY C 25 -15.60 -34.21 4.86
C GLY C 25 -17.04 -33.73 4.92
N GLU C 26 -17.45 -33.24 6.10
CA GLU C 26 -18.80 -32.73 6.28
C GLU C 26 -19.15 -32.46 7.74
N VAL C 27 -19.76 -31.30 7.96
CA VAL C 27 -20.21 -30.84 9.27
C VAL C 27 -21.16 -29.71 8.97
N VAL C 28 -22.44 -30.06 8.88
CA VAL C 28 -23.47 -29.09 8.58
C VAL C 28 -23.64 -28.05 9.68
N THR C 29 -22.53 -27.69 10.32
CA THR C 29 -22.60 -26.64 11.33
C THR C 29 -22.99 -25.50 10.40
N THR C 30 -24.27 -25.16 10.39
CA THR C 30 -24.76 -24.14 9.48
C THR C 30 -25.82 -23.20 10.05
N ILE C 31 -25.77 -21.95 9.60
CA ILE C 31 -26.73 -20.90 9.98
C ILE C 31 -27.16 -20.23 8.68
N PRO C 32 -28.33 -19.55 8.69
CA PRO C 32 -28.81 -18.86 7.48
C PRO C 32 -27.73 -17.94 6.88
N THR C 33 -27.43 -18.12 5.59
CA THR C 33 -26.40 -17.33 4.92
C THR C 33 -26.87 -15.95 4.47
N ILE C 34 -26.57 -14.95 5.28
CA ILE C 34 -26.96 -13.59 4.95
C ILE C 34 -25.74 -12.95 4.28
N GLY C 35 -25.60 -13.24 3.00
CA GLY C 35 -24.49 -12.74 2.25
C GLY C 35 -24.05 -13.85 1.30
N PHE C 36 -22.84 -14.36 1.49
CA PHE C 36 -22.34 -15.40 0.61
C PHE C 36 -21.08 -16.08 1.15
N ASN C 37 -20.81 -17.28 0.63
CA ASN C 37 -19.61 -18.04 0.99
C ASN C 37 -18.89 -18.36 -0.31
N VAL C 38 -17.57 -18.38 -0.27
CA VAL C 38 -16.76 -18.70 -1.43
C VAL C 38 -15.61 -19.60 -0.99
N GLU C 39 -15.42 -20.71 -1.70
CA GLU C 39 -14.38 -21.68 -1.37
C GLU C 39 -13.87 -22.28 -2.68
N THR C 40 -12.61 -22.69 -2.69
CA THR C 40 -12.03 -23.29 -3.87
C THR C 40 -12.06 -24.81 -3.78
N VAL C 41 -12.64 -25.45 -4.80
CA VAL C 41 -12.76 -26.90 -4.84
C VAL C 41 -12.03 -27.54 -6.01
N THR C 42 -11.40 -28.69 -5.74
CA THR C 42 -10.67 -29.43 -6.74
C THR C 42 -11.28 -30.81 -6.89
N TYR C 43 -11.77 -31.13 -8.08
CA TYR C 43 -12.36 -32.43 -8.33
C TYR C 43 -11.32 -33.31 -9.02
N LYS C 44 -11.54 -33.64 -10.28
CA LYS C 44 -10.57 -34.46 -11.01
C LYS C 44 -9.39 -33.55 -11.27
N ASN C 45 -8.60 -33.32 -10.23
CA ASN C 45 -7.42 -32.47 -10.28
C ASN C 45 -7.67 -31.09 -10.91
N LEU C 46 -8.93 -30.67 -10.99
CA LEU C 46 -9.24 -29.36 -11.57
C LEU C 46 -9.52 -28.33 -10.48
N LYS C 47 -9.83 -27.10 -10.90
CA LYS C 47 -10.07 -26.01 -9.96
C LYS C 47 -11.34 -25.21 -10.26
N PHE C 48 -12.20 -25.07 -9.24
CA PHE C 48 -13.42 -24.29 -9.37
C PHE C 48 -13.51 -23.26 -8.25
N GLN C 49 -14.00 -22.07 -8.58
CA GLN C 49 -14.21 -21.05 -7.57
C GLN C 49 -15.73 -21.16 -7.40
N VAL C 50 -16.15 -21.64 -6.23
CA VAL C 50 -17.57 -21.84 -5.98
C VAL C 50 -18.17 -20.81 -5.02
N TRP C 51 -19.23 -20.16 -5.49
CA TRP C 51 -19.95 -19.15 -4.72
C TRP C 51 -21.29 -19.71 -4.21
N ASP C 52 -21.52 -19.61 -2.91
CA ASP C 52 -22.78 -20.06 -2.32
C ASP C 52 -23.55 -18.80 -1.91
N LEU C 53 -24.63 -18.51 -2.64
CA LEU C 53 -25.43 -17.31 -2.38
C LEU C 53 -26.66 -17.60 -1.54
N GLY C 54 -26.85 -16.82 -0.48
CA GLY C 54 -28.01 -17.00 0.38
C GLY C 54 -29.27 -16.86 -0.45
N GLY C 55 -30.29 -17.64 -0.12
CA GLY C 55 -31.51 -17.59 -0.90
C GLY C 55 -32.78 -17.05 -0.29
N GLN C 56 -32.73 -16.41 0.87
CA GLN C 56 -33.97 -15.89 1.40
C GLN C 56 -34.50 -14.76 0.51
N THR C 57 -35.80 -14.53 0.56
CA THR C 57 -36.49 -13.55 -0.28
C THR C 57 -35.90 -12.17 -0.56
N SER C 58 -35.48 -11.47 0.48
CA SER C 58 -34.94 -10.12 0.33
C SER C 58 -33.62 -9.96 -0.42
N ILE C 59 -32.80 -11.02 -0.45
CA ILE C 59 -31.52 -10.92 -1.14
C ILE C 59 -31.45 -11.67 -2.47
N ARG C 60 -32.48 -12.45 -2.78
CA ARG C 60 -32.50 -13.17 -4.05
C ARG C 60 -32.40 -12.17 -5.23
N PRO C 61 -32.95 -10.95 -5.06
CA PRO C 61 -32.88 -9.97 -6.14
C PRO C 61 -31.45 -9.62 -6.55
N TYR C 62 -30.49 -9.86 -5.67
CA TYR C 62 -29.10 -9.53 -5.97
C TYR C 62 -28.26 -10.66 -6.56
N TRP C 63 -28.89 -11.78 -6.90
CA TRP C 63 -28.15 -12.88 -7.49
C TRP C 63 -27.50 -12.49 -8.81
N ARG C 64 -28.24 -11.78 -9.65
CA ARG C 64 -27.72 -11.40 -10.96
C ARG C 64 -26.40 -10.60 -10.91
N CYS C 65 -26.09 -9.99 -9.77
CA CYS C 65 -24.86 -9.21 -9.64
C CYS C 65 -23.64 -10.11 -9.80
N TYR C 66 -23.85 -11.43 -9.69
CA TYR C 66 -22.74 -12.39 -9.76
C TYR C 66 -22.64 -13.19 -11.05
N TYR C 67 -23.64 -13.10 -11.91
CA TYR C 67 -23.68 -13.88 -13.15
C TYR C 67 -22.53 -13.75 -14.14
N SER C 68 -21.83 -12.63 -14.08
CA SER C 68 -20.73 -12.40 -14.98
C SER C 68 -19.72 -13.55 -15.01
N ASN C 69 -19.36 -13.97 -16.21
CA ASN C 69 -18.39 -15.06 -16.42
C ASN C 69 -18.71 -16.39 -15.72
N THR C 70 -19.97 -16.78 -15.65
CA THR C 70 -20.32 -18.04 -15.00
C THR C 70 -20.29 -19.20 -16.00
N ASP C 71 -19.61 -20.29 -15.61
CA ASP C 71 -19.51 -21.47 -16.46
C ASP C 71 -20.67 -22.44 -16.20
N ALA C 72 -21.00 -22.64 -14.93
CA ALA C 72 -22.08 -23.55 -14.55
C ALA C 72 -22.85 -23.09 -13.31
N VAL C 73 -24.13 -23.41 -13.29
CA VAL C 73 -25.00 -23.09 -12.17
C VAL C 73 -25.52 -24.40 -11.58
N ILE C 74 -25.20 -24.66 -10.32
CA ILE C 74 -25.70 -25.83 -9.62
C ILE C 74 -26.95 -25.27 -8.96
N TYR C 75 -28.12 -25.67 -9.44
CA TYR C 75 -29.38 -25.19 -8.87
C TYR C 75 -29.93 -26.22 -7.88
N VAL C 76 -29.98 -25.85 -6.60
CA VAL C 76 -30.45 -26.74 -5.53
C VAL C 76 -31.93 -26.56 -5.22
N VAL C 77 -32.68 -27.66 -5.21
CA VAL C 77 -34.10 -27.63 -4.92
C VAL C 77 -34.40 -28.66 -3.83
N ASP C 78 -35.18 -28.25 -2.83
CA ASP C 78 -35.56 -29.16 -1.73
C ASP C 78 -36.61 -30.16 -2.23
N SER C 79 -36.22 -31.42 -2.39
CA SER C 79 -37.16 -32.44 -2.87
C SER C 79 -38.42 -32.65 -2.03
N CYS C 80 -38.36 -32.36 -0.73
CA CYS C 80 -39.53 -32.53 0.13
C CYS C 80 -40.48 -31.33 0.20
N ASP C 81 -40.02 -30.17 -0.26
CA ASP C 81 -40.80 -28.93 -0.22
C ASP C 81 -41.74 -28.71 -1.43
N ARG C 82 -42.83 -29.45 -1.49
CA ARG C 82 -43.79 -29.33 -2.61
C ARG C 82 -44.55 -28.01 -2.69
N ASP C 83 -44.79 -27.38 -1.54
CA ASP C 83 -45.54 -26.12 -1.54
C ASP C 83 -44.82 -24.98 -2.27
N ARG C 84 -43.50 -25.02 -2.34
CA ARG C 84 -42.74 -23.95 -2.97
C ARG C 84 -42.03 -24.25 -4.29
N ILE C 85 -42.25 -25.44 -4.86
CA ILE C 85 -41.60 -25.81 -6.11
C ILE C 85 -41.92 -24.84 -7.26
N GLY C 86 -43.07 -24.15 -7.17
CA GLY C 86 -43.44 -23.21 -8.22
C GLY C 86 -42.56 -21.95 -8.19
N ILE C 87 -42.19 -21.54 -6.99
CA ILE C 87 -41.33 -20.36 -6.79
C ILE C 87 -39.94 -20.69 -7.35
N SER C 88 -39.50 -21.93 -7.15
CA SER C 88 -38.20 -22.34 -7.66
C SER C 88 -38.24 -22.27 -9.17
N LYS C 89 -39.37 -22.60 -9.78
CA LYS C 89 -39.48 -22.56 -11.23
C LYS C 89 -39.37 -21.10 -11.66
N SER C 90 -40.10 -20.21 -10.98
CA SER C 90 -40.07 -18.78 -11.28
C SER C 90 -38.63 -18.26 -11.32
N GLU C 91 -37.92 -18.39 -10.20
CA GLU C 91 -36.54 -17.92 -10.13
C GLU C 91 -35.72 -18.52 -11.26
N LEU C 92 -35.87 -19.83 -11.46
CA LEU C 92 -35.11 -20.51 -12.51
C LEU C 92 -35.42 -19.93 -13.90
N VAL C 93 -36.70 -19.74 -14.21
CA VAL C 93 -37.07 -19.16 -15.50
C VAL C 93 -36.43 -17.78 -15.69
N ALA C 94 -36.51 -16.95 -14.66
CA ALA C 94 -35.95 -15.60 -14.73
C ALA C 94 -34.46 -15.58 -15.01
N MET C 95 -33.71 -16.39 -14.27
CA MET C 95 -32.26 -16.42 -14.44
C MET C 95 -31.78 -16.90 -15.79
N LEU C 96 -32.49 -17.86 -16.37
CA LEU C 96 -32.07 -18.40 -17.66
C LEU C 96 -32.18 -17.38 -18.78
N GLU C 97 -33.08 -16.41 -18.63
CA GLU C 97 -33.23 -15.36 -19.65
C GLU C 97 -31.98 -14.49 -19.67
N GLU C 98 -31.30 -14.39 -18.53
CA GLU C 98 -30.10 -13.60 -18.38
C GLU C 98 -29.06 -13.85 -19.46
N GLU C 99 -28.77 -12.81 -20.24
CA GLU C 99 -27.81 -12.87 -21.34
C GLU C 99 -26.44 -13.39 -20.94
N GLU C 100 -26.01 -13.04 -19.72
CA GLU C 100 -24.69 -13.48 -19.26
C GLU C 100 -24.60 -14.98 -18.93
N LEU C 101 -25.73 -15.66 -18.89
CA LEU C 101 -25.74 -17.09 -18.58
C LEU C 101 -26.06 -17.99 -19.77
N ARG C 102 -26.27 -17.38 -20.95
CA ARG C 102 -26.60 -18.14 -22.15
C ARG C 102 -25.79 -19.42 -22.38
N LYS C 103 -24.47 -19.32 -22.23
CA LYS C 103 -23.61 -20.48 -22.46
C LYS C 103 -23.30 -21.31 -21.22
N ALA C 104 -23.88 -20.94 -20.09
CA ALA C 104 -23.64 -21.68 -18.86
C ALA C 104 -24.39 -23.01 -18.95
N ILE C 105 -23.82 -24.06 -18.36
CA ILE C 105 -24.47 -25.34 -18.37
C ILE C 105 -25.22 -25.44 -17.04
N LEU C 106 -26.42 -26.02 -17.07
CA LEU C 106 -27.24 -26.15 -15.87
C LEU C 106 -27.25 -27.55 -15.26
N VAL C 107 -27.15 -27.61 -13.94
CA VAL C 107 -27.19 -28.88 -13.23
C VAL C 107 -28.17 -28.73 -12.07
N VAL C 108 -29.23 -29.52 -12.08
CA VAL C 108 -30.22 -29.44 -11.01
C VAL C 108 -29.99 -30.55 -9.98
N PHE C 109 -29.97 -30.18 -8.69
CA PHE C 109 -29.79 -31.16 -7.63
C PHE C 109 -31.12 -31.38 -6.89
N ALA C 110 -31.75 -32.53 -7.07
CA ALA C 110 -33.00 -32.83 -6.34
C ALA C 110 -32.43 -33.34 -5.01
N ASN C 111 -32.18 -32.40 -4.09
CA ASN C 111 -31.55 -32.69 -2.79
C ASN C 111 -32.49 -33.10 -1.67
N LYS C 112 -31.91 -33.72 -0.65
CA LYS C 112 -32.66 -34.22 0.52
C LYS C 112 -33.36 -35.52 0.13
N GLN C 113 -32.74 -36.27 -0.77
CA GLN C 113 -33.28 -37.54 -1.22
C GLN C 113 -33.19 -38.61 -0.13
N ASP C 114 -32.56 -38.29 0.98
CA ASP C 114 -32.45 -39.25 2.06
C ASP C 114 -33.77 -39.30 2.81
N MET C 115 -34.67 -38.37 2.48
CA MET C 115 -35.99 -38.30 3.12
C MET C 115 -37.03 -39.14 2.37
N GLU C 116 -37.75 -39.98 3.12
CA GLU C 116 -38.78 -40.83 2.54
C GLU C 116 -39.75 -40.08 1.62
N GLN C 117 -40.22 -38.93 2.08
CA GLN C 117 -41.19 -38.12 1.34
C GLN C 117 -40.68 -37.26 0.18
N ALA C 118 -39.41 -37.43 -0.20
CA ALA C 118 -38.85 -36.64 -1.29
C ALA C 118 -39.38 -37.02 -2.67
N MET C 119 -39.86 -36.04 -3.44
CA MET C 119 -40.37 -36.35 -4.76
C MET C 119 -39.26 -36.80 -5.70
N THR C 120 -39.65 -37.55 -6.74
CA THR C 120 -38.71 -38.10 -7.73
C THR C 120 -38.13 -37.13 -8.75
N PRO C 121 -36.94 -37.46 -9.28
CA PRO C 121 -36.22 -36.65 -10.29
C PRO C 121 -37.07 -36.36 -11.54
N SER C 122 -37.94 -37.29 -11.91
CA SER C 122 -38.82 -37.13 -13.07
C SER C 122 -39.93 -36.12 -12.81
N GLU C 123 -40.57 -36.24 -11.65
CA GLU C 123 -41.63 -35.29 -11.27
C GLU C 123 -41.08 -33.86 -11.25
N MET C 124 -39.93 -33.68 -10.61
CA MET C 124 -39.31 -32.37 -10.51
C MET C 124 -38.99 -31.79 -11.89
N ALA C 125 -38.32 -32.57 -12.73
CA ALA C 125 -37.97 -32.11 -14.07
C ALA C 125 -39.19 -31.57 -14.82
N ASN C 126 -40.29 -32.31 -14.74
CA ASN C 126 -41.54 -31.90 -15.40
C ASN C 126 -42.12 -30.67 -14.73
N ALA C 127 -42.08 -30.65 -13.40
CA ALA C 127 -42.63 -29.53 -12.63
C ALA C 127 -41.83 -28.23 -12.81
N LEU C 128 -40.55 -28.34 -13.16
CA LEU C 128 -39.72 -27.18 -13.36
C LEU C 128 -39.67 -26.78 -14.84
N GLY C 129 -40.26 -27.62 -15.69
CA GLY C 129 -40.27 -27.33 -17.12
C GLY C 129 -38.96 -27.65 -17.82
N LEU C 130 -38.06 -28.34 -17.12
CA LEU C 130 -36.75 -28.69 -17.70
C LEU C 130 -36.83 -29.32 -19.10
N PRO C 131 -37.81 -30.22 -19.31
CA PRO C 131 -37.95 -30.87 -20.62
C PRO C 131 -38.09 -29.91 -21.80
N ALA C 132 -38.58 -28.70 -21.55
CA ALA C 132 -38.76 -27.74 -22.64
C ALA C 132 -37.48 -26.98 -22.99
N LEU C 133 -36.57 -26.86 -22.03
CA LEU C 133 -35.32 -26.14 -22.25
C LEU C 133 -34.64 -26.43 -23.58
N LYS C 134 -34.57 -25.38 -24.40
CA LYS C 134 -33.92 -25.49 -25.71
C LYS C 134 -32.55 -24.81 -25.61
N ASP C 135 -31.61 -25.27 -26.44
CA ASP C 135 -30.26 -24.73 -26.46
C ASP C 135 -29.63 -24.79 -25.07
N ARG C 136 -30.13 -25.68 -24.23
CA ARG C 136 -29.60 -25.82 -22.87
C ARG C 136 -29.01 -27.18 -22.54
N LYS C 137 -27.75 -27.19 -22.15
CA LYS C 137 -27.08 -28.43 -21.75
C LYS C 137 -27.37 -28.59 -20.26
N TRP C 138 -28.23 -29.55 -19.92
CA TRP C 138 -28.57 -29.78 -18.52
C TRP C 138 -28.69 -31.24 -18.12
N GLN C 139 -28.95 -31.45 -16.84
CA GLN C 139 -29.10 -32.77 -16.26
C GLN C 139 -29.57 -32.64 -14.81
N ILE C 140 -30.37 -33.60 -14.35
CA ILE C 140 -30.86 -33.56 -12.99
C ILE C 140 -30.35 -34.79 -12.24
N PHE C 141 -29.89 -34.57 -11.01
CA PHE C 141 -29.36 -35.64 -10.16
C PHE C 141 -30.02 -35.60 -8.80
N LYS C 142 -30.28 -36.76 -8.23
CA LYS C 142 -30.86 -36.76 -6.89
C LYS C 142 -29.68 -36.83 -5.94
N THR C 143 -29.72 -35.99 -4.92
CA THR C 143 -28.62 -35.89 -3.98
C THR C 143 -29.02 -35.83 -2.51
N SER C 144 -28.01 -35.96 -1.65
CA SER C 144 -28.17 -35.88 -0.21
C SER C 144 -26.88 -35.28 0.37
N ALA C 145 -26.98 -34.05 0.87
CA ALA C 145 -25.84 -33.32 1.45
C ALA C 145 -25.41 -33.91 2.79
N THR C 146 -26.37 -34.38 3.56
CA THR C 146 -26.06 -34.96 4.85
C THR C 146 -25.45 -36.34 4.69
N LYS C 147 -26.11 -37.22 3.94
CA LYS C 147 -25.60 -38.57 3.71
C LYS C 147 -24.47 -38.58 2.70
N GLY C 148 -24.38 -37.51 1.92
CA GLY C 148 -23.33 -37.37 0.93
C GLY C 148 -23.47 -38.23 -0.31
N THR C 149 -24.70 -38.57 -0.68
CA THR C 149 -24.91 -39.39 -1.86
C THR C 149 -25.33 -38.62 -3.11
N GLY C 150 -24.88 -39.11 -4.26
CA GLY C 150 -25.21 -38.50 -5.53
C GLY C 150 -24.29 -37.37 -5.96
N LEU C 151 -23.40 -36.94 -5.08
CA LEU C 151 -22.51 -35.84 -5.41
C LEU C 151 -21.40 -36.18 -6.40
N ASP C 152 -20.68 -37.27 -6.16
CA ASP C 152 -19.59 -37.65 -7.05
C ASP C 152 -20.08 -37.82 -8.47
N GLU C 153 -21.27 -38.40 -8.64
CA GLU C 153 -21.82 -38.61 -9.96
C GLU C 153 -22.07 -37.27 -10.67
N ALA C 154 -22.74 -36.36 -9.96
CA ALA C 154 -23.05 -35.04 -10.50
C ALA C 154 -21.77 -34.30 -10.88
N MET C 155 -20.76 -34.35 -10.01
CA MET C 155 -19.50 -33.67 -10.29
C MET C 155 -18.82 -34.25 -11.53
N GLU C 156 -18.99 -35.55 -11.72
CA GLU C 156 -18.41 -36.24 -12.87
C GLU C 156 -19.03 -35.69 -14.15
N TRP C 157 -20.35 -35.60 -14.16
CA TRP C 157 -21.10 -35.12 -15.31
C TRP C 157 -20.80 -33.66 -15.63
N LEU C 158 -20.66 -32.85 -14.58
CA LEU C 158 -20.38 -31.43 -14.73
C LEU C 158 -18.97 -31.25 -15.28
N VAL C 159 -18.00 -31.92 -14.68
CA VAL C 159 -16.61 -31.83 -15.10
C VAL C 159 -16.41 -32.23 -16.57
N GLU C 160 -17.02 -33.35 -16.98
CA GLU C 160 -16.88 -33.83 -18.34
C GLU C 160 -17.65 -33.02 -19.37
N THR C 161 -18.86 -32.59 -19.02
CA THR C 161 -19.65 -31.80 -19.94
C THR C 161 -18.91 -30.53 -20.33
N LEU C 162 -18.40 -29.79 -19.35
CA LEU C 162 -17.70 -28.56 -19.64
C LEU C 162 -16.31 -28.74 -20.24
N LYS C 163 -15.68 -29.90 -20.02
CA LYS C 163 -14.37 -30.15 -20.62
C LYS C 163 -14.58 -30.21 -22.13
N SER C 164 -15.81 -30.50 -22.53
CA SER C 164 -16.16 -30.57 -23.95
C SER C 164 -16.29 -29.17 -24.53
N ARG C 165 -17.44 -28.54 -24.30
CA ARG C 165 -17.69 -27.20 -24.80
C ARG C 165 -17.14 -27.01 -26.22
N PRO D 1 -33.58 -4.50 6.96
CA PRO D 1 -33.09 -5.21 8.15
C PRO D 1 -32.19 -6.40 7.80
N THR D 2 -32.64 -7.22 6.87
CA THR D 2 -31.85 -8.36 6.42
C THR D 2 -30.92 -7.83 5.32
N GLU D 3 -31.39 -6.81 4.61
CA GLU D 3 -30.61 -6.18 3.56
C GLU D 3 -29.47 -5.37 4.16
N PHE D 4 -29.69 -4.83 5.36
CA PHE D 4 -28.65 -4.06 6.03
C PHE D 4 -27.46 -4.95 6.40
N GLU D 5 -27.74 -6.13 6.94
CA GLU D 5 -26.67 -7.05 7.30
C GLU D 5 -25.95 -7.43 6.00
N TYR D 6 -26.73 -7.66 4.95
CA TYR D 6 -26.19 -8.02 3.63
C TYR D 6 -25.28 -6.88 3.15
N LEU D 7 -25.79 -5.66 3.21
CA LEU D 7 -25.04 -4.47 2.79
C LEU D 7 -23.70 -4.35 3.53
N ARG D 8 -23.74 -4.46 4.86
CA ARG D 8 -22.51 -4.37 5.66
C ARG D 8 -21.48 -5.46 5.35
N LYS D 9 -21.97 -6.67 5.10
CA LYS D 9 -21.11 -7.81 4.79
C LYS D 9 -20.39 -7.52 3.49
N VAL D 10 -21.15 -7.07 2.50
CA VAL D 10 -20.61 -6.76 1.18
C VAL D 10 -19.65 -5.57 1.25
N LEU D 11 -20.04 -4.56 2.02
CA LEU D 11 -19.23 -3.37 2.17
C LEU D 11 -17.95 -3.68 2.95
N PHE D 12 -18.03 -4.56 3.92
CA PHE D 12 -16.84 -4.93 4.69
C PHE D 12 -15.78 -5.59 3.79
N GLU D 13 -16.25 -6.50 2.95
CA GLU D 13 -15.38 -7.23 2.03
C GLU D 13 -14.68 -6.29 1.03
N TYR D 14 -15.46 -5.38 0.48
CA TYR D 14 -14.95 -4.41 -0.49
C TYR D 14 -13.84 -3.54 0.13
N MET D 15 -14.15 -2.89 1.24
CA MET D 15 -13.20 -2.03 1.92
C MET D 15 -11.92 -2.75 2.39
N MET D 16 -11.97 -4.08 2.51
CA MET D 16 -10.78 -4.83 2.94
C MET D 16 -10.02 -5.29 1.71
N GLY D 17 -10.50 -4.88 0.55
CA GLY D 17 -9.84 -5.23 -0.70
C GLY D 17 -10.01 -6.63 -1.26
N ARG D 18 -11.21 -7.18 -1.19
CA ARG D 18 -11.45 -8.52 -1.72
C ARG D 18 -12.57 -8.56 -2.76
N GLU D 19 -12.30 -9.21 -3.89
CA GLU D 19 -13.30 -9.35 -4.94
C GLU D 19 -14.04 -8.03 -5.11
N THR D 20 -13.28 -6.94 -5.12
CA THR D 20 -13.85 -5.60 -5.21
C THR D 20 -14.74 -5.29 -6.41
N LYS D 21 -14.51 -5.91 -7.55
CA LYS D 21 -15.35 -5.63 -8.73
C LYS D 21 -16.77 -6.19 -8.61
N THR D 22 -16.90 -7.40 -8.10
CA THR D 22 -18.23 -7.98 -7.93
C THR D 22 -18.97 -7.28 -6.80
N MET D 23 -18.27 -7.01 -5.71
CA MET D 23 -18.88 -6.31 -4.58
C MET D 23 -19.40 -4.92 -5.03
N ALA D 24 -18.65 -4.23 -5.87
CA ALA D 24 -19.08 -2.92 -6.34
C ALA D 24 -20.44 -2.97 -7.03
N LYS D 25 -20.66 -4.02 -7.82
CA LYS D 25 -21.94 -4.19 -8.51
C LYS D 25 -23.08 -4.39 -7.53
N VAL D 26 -22.87 -5.18 -6.49
CA VAL D 26 -23.96 -5.38 -5.54
C VAL D 26 -24.20 -4.11 -4.71
N ILE D 27 -23.14 -3.40 -4.34
CA ILE D 27 -23.31 -2.18 -3.56
C ILE D 27 -24.11 -1.12 -4.35
N THR D 28 -23.77 -0.87 -5.60
CA THR D 28 -24.53 0.11 -6.37
C THR D 28 -25.94 -0.38 -6.63
N THR D 29 -26.13 -1.69 -6.67
CA THR D 29 -27.46 -2.27 -6.91
C THR D 29 -28.33 -2.19 -5.66
N VAL D 30 -27.80 -2.62 -4.52
CA VAL D 30 -28.57 -2.56 -3.29
C VAL D 30 -28.96 -1.13 -2.96
N LEU D 31 -28.01 -0.20 -3.04
CA LEU D 31 -28.29 1.22 -2.72
C LEU D 31 -28.80 2.04 -3.92
N LYS D 32 -29.27 1.34 -4.95
CA LYS D 32 -29.83 1.98 -6.15
C LYS D 32 -29.12 3.21 -6.68
N PHE D 33 -27.81 3.15 -6.83
CA PHE D 33 -27.09 4.30 -7.36
C PHE D 33 -27.61 4.65 -8.76
N PRO D 34 -27.49 5.92 -9.17
CA PRO D 34 -27.94 6.32 -10.49
C PRO D 34 -26.97 5.74 -11.53
N ASP D 35 -27.44 5.57 -12.76
CA ASP D 35 -26.63 4.99 -13.83
C ASP D 35 -25.29 5.67 -14.09
N ASP D 36 -25.26 7.00 -14.01
CA ASP D 36 -24.03 7.74 -14.22
C ASP D 36 -22.96 7.35 -13.19
N GLN D 37 -23.28 7.52 -11.91
CA GLN D 37 -22.34 7.19 -10.83
C GLN D 37 -21.91 5.73 -10.94
N THR D 38 -22.89 4.85 -11.14
CA THR D 38 -22.61 3.42 -11.25
C THR D 38 -21.54 3.14 -12.31
N GLN D 39 -21.69 3.75 -13.48
CA GLN D 39 -20.72 3.51 -14.55
C GLN D 39 -19.37 4.11 -14.22
N LYS D 40 -19.35 5.21 -13.48
CA LYS D 40 -18.09 5.85 -13.12
C LYS D 40 -17.30 4.93 -12.18
N ILE D 41 -18.01 4.27 -11.27
CA ILE D 41 -17.39 3.36 -10.32
C ILE D 41 -16.94 2.11 -11.10
N LEU D 42 -17.84 1.61 -11.94
CA LEU D 42 -17.51 0.45 -12.76
C LEU D 42 -16.79 0.97 -13.99
N GLU D 43 -15.47 0.99 -13.94
CA GLU D 43 -14.58 1.48 -15.00
C GLU D 43 -13.27 1.74 -14.28
N ARG D 44 -13.36 2.47 -13.18
CA ARG D 44 -12.19 2.74 -12.36
C ARG D 44 -11.85 1.35 -11.83
N GLU D 45 -12.91 0.62 -11.49
CA GLU D 45 -12.79 -0.74 -10.97
C GLU D 45 -12.11 -1.61 -12.05
N ASP D 46 -12.58 -1.48 -13.29
CA ASP D 46 -11.99 -2.24 -14.39
C ASP D 46 -10.54 -1.79 -14.56
N ALA D 47 -10.32 -0.49 -14.51
CA ALA D 47 -9.00 0.09 -14.66
C ALA D 47 -8.15 -0.36 -13.48
N ARG D 48 -8.79 -0.97 -12.50
CA ARG D 48 -8.09 -1.47 -11.32
C ARG D 48 -7.64 -2.91 -11.56
N LEU D 49 -8.43 -3.67 -12.32
CA LEU D 49 -8.12 -5.07 -12.62
C LEU D 49 -6.82 -5.23 -13.38
N MET D 50 -6.44 -4.22 -14.15
CA MET D 50 -5.22 -4.27 -14.93
C MET D 50 -4.00 -4.59 -14.06
N PHE D 51 -4.20 -4.54 -12.75
CA PHE D 51 -3.14 -4.82 -11.79
C PHE D 51 -3.64 -5.81 -10.74
N ARG E 1 -3.87 -25.13 -3.02
CA ARG E 1 -2.81 -24.34 -2.33
C ARG E 1 -1.58 -24.29 -3.23
N GLU E 2 -0.94 -23.12 -3.30
CA GLU E 2 0.25 -22.97 -4.12
C GLU E 2 1.49 -23.05 -3.26
N MET E 3 2.24 -24.13 -3.42
CA MET E 3 3.45 -24.39 -2.66
C MET E 3 4.70 -23.72 -3.23
N ARG E 4 5.69 -23.44 -2.37
CA ARG E 4 6.94 -22.86 -2.82
C ARG E 4 8.07 -23.85 -2.52
N ILE E 5 8.91 -24.07 -3.51
CA ILE E 5 10.03 -24.99 -3.43
C ILE E 5 11.38 -24.31 -3.63
N LEU E 6 12.38 -24.73 -2.87
CA LEU E 6 13.73 -24.18 -2.99
C LEU E 6 14.65 -25.25 -3.55
N ILE E 7 15.48 -24.90 -4.52
CA ILE E 7 16.41 -25.87 -5.10
C ILE E 7 17.79 -25.43 -4.62
N LEU E 8 18.34 -26.16 -3.64
CA LEU E 8 19.64 -25.84 -3.07
C LEU E 8 20.71 -26.88 -3.43
N GLY E 9 21.97 -26.55 -3.12
CA GLY E 9 23.08 -27.45 -3.42
C GLY E 9 24.35 -26.72 -3.86
N LEU E 10 25.49 -27.40 -3.80
CA LEU E 10 26.77 -26.80 -4.20
C LEU E 10 26.80 -26.33 -5.66
N ASP E 11 27.76 -25.45 -5.96
CA ASP E 11 27.93 -24.92 -7.32
C ASP E 11 28.25 -26.09 -8.25
N GLY E 12 27.68 -26.05 -9.45
CA GLY E 12 27.91 -27.08 -10.44
C GLY E 12 27.09 -28.36 -10.29
N ALA E 13 26.13 -28.40 -9.38
CA ALA E 13 25.35 -29.62 -9.18
C ALA E 13 24.35 -29.85 -10.31
N GLY E 14 23.87 -28.76 -10.91
CA GLY E 14 22.90 -28.86 -11.99
C GLY E 14 21.54 -28.31 -11.59
N LYS E 15 21.51 -27.49 -10.54
CA LYS E 15 20.28 -26.89 -10.03
C LYS E 15 19.51 -26.07 -11.08
N THR E 16 20.21 -25.17 -11.78
CA THR E 16 19.56 -24.32 -12.78
C THR E 16 19.04 -25.15 -13.98
N THR E 17 19.81 -26.15 -14.39
CA THR E 17 19.39 -27.00 -15.49
C THR E 17 18.09 -27.72 -15.14
N ILE E 18 17.96 -28.11 -13.88
CA ILE E 18 16.77 -28.80 -13.40
C ILE E 18 15.54 -27.89 -13.40
N LEU E 19 15.73 -26.65 -12.94
CA LEU E 19 14.64 -25.68 -12.89
C LEU E 19 13.96 -25.51 -14.23
N TYR E 20 14.75 -25.26 -15.28
CA TYR E 20 14.15 -25.07 -16.59
C TYR E 20 13.70 -26.37 -17.25
N ARG E 21 14.29 -27.48 -16.84
CA ARG E 21 13.87 -28.76 -17.37
C ARG E 21 12.42 -28.90 -16.89
N LEU E 22 12.14 -28.41 -15.68
CA LEU E 22 10.79 -28.45 -15.13
C LEU E 22 10.02 -27.28 -15.74
N GLN E 23 8.87 -27.57 -16.35
CA GLN E 23 8.05 -26.54 -17.00
C GLN E 23 8.72 -25.95 -18.24
N VAL E 24 8.99 -26.80 -19.24
CA VAL E 24 9.63 -26.45 -20.51
C VAL E 24 10.46 -27.66 -20.98
N GLY E 25 10.95 -27.63 -22.22
CA GLY E 25 11.76 -28.73 -22.73
C GLY E 25 13.09 -28.81 -22.01
N GLU E 26 14.15 -28.30 -22.62
CA GLU E 26 15.50 -28.30 -22.01
C GLU E 26 16.60 -27.69 -22.87
N VAL E 27 17.26 -26.68 -22.34
CA VAL E 27 18.35 -25.97 -23.00
C VAL E 27 19.25 -25.48 -21.89
N VAL E 28 20.26 -26.30 -21.57
CA VAL E 28 21.20 -25.99 -20.50
C VAL E 28 22.01 -24.75 -20.77
N THR E 29 21.56 -23.92 -21.70
CA THR E 29 22.28 -22.69 -21.97
C THR E 29 22.23 -22.08 -20.57
N THR E 30 23.31 -22.29 -19.83
CA THR E 30 23.42 -21.85 -18.46
C THR E 30 24.78 -21.25 -18.13
N ILE E 31 24.80 -20.35 -17.15
CA ILE E 31 26.03 -19.74 -16.67
C ILE E 31 25.92 -19.77 -15.14
N PRO E 32 27.07 -19.67 -14.43
CA PRO E 32 27.05 -19.68 -12.96
C PRO E 32 26.02 -18.66 -12.44
N THR E 33 25.17 -19.09 -11.52
CA THR E 33 24.14 -18.22 -10.99
C THR E 33 24.62 -17.38 -9.83
N ILE E 34 25.05 -16.16 -10.12
CA ILE E 34 25.52 -15.27 -9.07
C ILE E 34 24.34 -14.46 -8.56
N GLY E 35 23.44 -15.16 -7.87
CA GLY E 35 22.24 -14.54 -7.34
C GLY E 35 21.19 -15.63 -7.24
N PHE E 36 20.13 -15.51 -8.04
CA PHE E 36 19.04 -16.48 -8.04
C PHE E 36 18.12 -16.37 -9.26
N ASN E 37 17.25 -17.36 -9.41
CA ASN E 37 16.25 -17.41 -10.47
C ASN E 37 14.97 -17.90 -9.77
N VAL E 38 13.80 -17.45 -10.25
CA VAL E 38 12.50 -17.89 -9.74
C VAL E 38 11.60 -18.09 -10.94
N GLU E 39 10.75 -19.11 -10.88
CA GLU E 39 9.85 -19.44 -11.99
C GLU E 39 8.59 -20.14 -11.48
N THR E 40 7.48 -19.94 -12.18
CA THR E 40 6.23 -20.59 -11.79
C THR E 40 6.15 -21.88 -12.59
N VAL E 41 5.89 -22.99 -11.89
CA VAL E 41 5.81 -24.30 -12.53
C VAL E 41 4.54 -25.06 -12.20
N THR E 42 4.01 -25.76 -13.20
CA THR E 42 2.81 -26.56 -13.06
C THR E 42 3.11 -28.01 -13.43
N TYR E 43 2.78 -28.93 -12.52
CA TYR E 43 3.01 -30.35 -12.75
C TYR E 43 1.70 -31.05 -13.09
N LYS E 44 1.13 -31.76 -12.13
CA LYS E 44 -0.15 -32.43 -12.33
C LYS E 44 -1.18 -31.31 -12.18
N ASN E 45 -1.19 -30.39 -13.14
CA ASN E 45 -2.08 -29.22 -13.15
C ASN E 45 -1.97 -28.37 -11.88
N LEU E 46 -0.90 -28.57 -11.10
CA LEU E 46 -0.71 -27.82 -9.86
C LEU E 46 0.27 -26.65 -10.01
N LYS E 47 0.20 -25.70 -9.08
CA LYS E 47 1.04 -24.51 -9.14
C LYS E 47 2.17 -24.44 -8.09
N PHE E 48 3.39 -24.18 -8.56
CA PHE E 48 4.54 -24.07 -7.66
C PHE E 48 5.43 -22.88 -7.93
N GLN E 49 5.84 -22.20 -6.87
CA GLN E 49 6.79 -21.10 -7.01
C GLN E 49 8.13 -21.79 -6.67
N VAL E 50 9.02 -21.88 -7.65
CA VAL E 50 10.29 -22.55 -7.46
C VAL E 50 11.51 -21.64 -7.61
N TRP E 51 12.31 -21.58 -6.55
CA TRP E 51 13.54 -20.76 -6.52
C TRP E 51 14.80 -21.62 -6.75
N ASP E 52 15.78 -21.04 -7.43
CA ASP E 52 17.07 -21.69 -7.74
C ASP E 52 18.16 -20.75 -7.23
N LEU E 53 18.75 -21.10 -6.08
CA LEU E 53 19.80 -20.27 -5.47
C LEU E 53 21.21 -20.69 -5.84
N GLY E 54 22.03 -19.71 -6.23
CA GLY E 54 23.40 -19.98 -6.61
C GLY E 54 24.16 -20.61 -5.46
N GLY E 55 25.01 -21.58 -5.78
CA GLY E 55 25.76 -22.29 -4.77
C GLY E 55 27.26 -22.13 -4.60
N GLN E 56 27.94 -21.17 -5.22
CA GLN E 56 29.36 -21.11 -4.91
C GLN E 56 29.58 -20.66 -3.47
N THR E 57 30.78 -20.92 -2.94
CA THR E 57 31.11 -20.64 -1.54
C THR E 57 30.68 -19.33 -0.81
N SER E 58 31.17 -18.18 -1.25
CA SER E 58 30.84 -16.92 -0.57
C SER E 58 29.36 -16.51 -0.45
N ILE E 59 28.47 -17.13 -1.23
CA ILE E 59 27.06 -16.75 -1.16
C ILE E 59 26.18 -17.83 -0.52
N ARG E 60 26.80 -18.95 -0.13
CA ARG E 60 26.10 -20.04 0.52
C ARG E 60 25.44 -19.55 1.84
N PRO E 61 26.15 -18.71 2.61
CA PRO E 61 25.63 -18.18 3.88
C PRO E 61 24.30 -17.41 3.75
N TYR E 62 23.92 -17.03 2.53
CA TYR E 62 22.68 -16.30 2.36
C TYR E 62 21.46 -17.15 2.01
N TRP E 63 21.64 -18.47 1.85
CA TRP E 63 20.50 -19.32 1.53
C TRP E 63 19.40 -19.19 2.56
N ARG E 64 19.80 -19.10 3.83
CA ARG E 64 18.83 -19.01 4.92
C ARG E 64 17.94 -17.77 4.86
N CYS E 65 18.33 -16.78 4.06
CA CYS E 65 17.50 -15.57 3.93
C CYS E 65 16.18 -15.90 3.23
N TYR E 66 16.16 -17.03 2.53
CA TYR E 66 14.99 -17.49 1.75
C TYR E 66 14.17 -18.61 2.37
N TYR E 67 14.58 -19.10 3.55
CA TYR E 67 13.92 -20.24 4.21
C TYR E 67 12.46 -20.14 4.66
N SER E 68 12.00 -18.93 4.93
CA SER E 68 10.63 -18.71 5.39
C SER E 68 9.52 -19.22 4.46
N ASN E 69 8.54 -19.90 5.05
CA ASN E 69 7.38 -20.46 4.34
C ASN E 69 7.73 -21.44 3.20
N THR E 70 8.72 -22.29 3.43
CA THR E 70 9.15 -23.27 2.43
C THR E 70 8.43 -24.60 2.57
N ASP E 71 7.84 -25.07 1.49
CA ASP E 71 7.14 -26.35 1.56
C ASP E 71 8.07 -27.54 1.30
N ALA E 72 8.98 -27.38 0.37
CA ALA E 72 9.90 -28.47 0.06
C ALA E 72 11.27 -27.96 -0.38
N VAL E 73 12.28 -28.80 -0.18
CA VAL E 73 13.64 -28.50 -0.55
C VAL E 73 14.15 -29.62 -1.43
N ILE E 74 14.47 -29.29 -2.68
CA ILE E 74 15.03 -30.25 -3.61
C ILE E 74 16.53 -29.99 -3.49
N TYR E 75 17.24 -30.90 -2.82
CA TYR E 75 18.68 -30.79 -2.64
C TYR E 75 19.37 -31.54 -3.77
N VAL E 76 20.11 -30.82 -4.59
CA VAL E 76 20.79 -31.39 -5.75
C VAL E 76 22.25 -31.66 -5.48
N VAL E 77 22.72 -32.86 -5.79
CA VAL E 77 24.11 -33.23 -5.54
C VAL E 77 24.77 -33.85 -6.77
N ASP E 78 26.02 -33.45 -7.03
CA ASP E 78 26.77 -34.00 -8.16
C ASP E 78 27.24 -35.43 -7.81
N SER E 79 26.66 -36.43 -8.47
CA SER E 79 27.01 -37.83 -8.21
C SER E 79 28.48 -38.20 -8.51
N CYS E 80 29.14 -37.42 -9.35
CA CYS E 80 30.54 -37.68 -9.70
C CYS E 80 31.57 -36.94 -8.83
N ASP E 81 31.12 -35.99 -8.02
CA ASP E 81 32.04 -35.21 -7.19
C ASP E 81 32.39 -35.89 -5.86
N ARG E 82 33.33 -36.83 -5.88
CA ARG E 82 33.71 -37.53 -4.66
C ARG E 82 34.53 -36.70 -3.66
N ASP E 83 35.30 -35.74 -4.13
CA ASP E 83 36.06 -34.92 -3.19
C ASP E 83 35.15 -34.07 -2.31
N ARG E 84 34.01 -33.64 -2.86
CA ARG E 84 33.13 -32.76 -2.10
C ARG E 84 31.83 -33.30 -1.47
N ILE E 85 31.66 -34.62 -1.41
CA ILE E 85 30.42 -35.10 -0.80
C ILE E 85 30.33 -34.71 0.68
N GLY E 86 31.47 -34.67 1.36
CA GLY E 86 31.47 -34.29 2.76
C GLY E 86 31.01 -32.86 2.99
N ILE E 87 31.31 -31.98 2.03
CA ILE E 87 30.90 -30.60 2.12
C ILE E 87 29.39 -30.49 1.83
N SER E 88 28.87 -31.38 0.99
CA SER E 88 27.42 -31.37 0.73
C SER E 88 26.70 -31.81 2.00
N LYS E 89 27.38 -32.61 2.82
CA LYS E 89 26.76 -33.08 4.05
C LYS E 89 26.72 -31.93 5.05
N SER E 90 27.86 -31.23 5.22
CA SER E 90 27.96 -30.09 6.14
C SER E 90 26.81 -29.12 5.92
N GLU E 91 26.65 -28.68 4.68
CA GLU E 91 25.59 -27.75 4.34
C GLU E 91 24.21 -28.32 4.65
N LEU E 92 23.97 -29.58 4.29
CA LEU E 92 22.67 -30.18 4.55
C LEU E 92 22.37 -30.29 6.04
N VAL E 93 23.37 -30.68 6.83
CA VAL E 93 23.19 -30.79 8.28
C VAL E 93 22.90 -29.41 8.87
N ALA E 94 23.56 -28.38 8.36
CA ALA E 94 23.38 -27.02 8.83
C ALA E 94 21.97 -26.49 8.58
N MET E 95 21.49 -26.62 7.34
CA MET E 95 20.16 -26.14 7.00
C MET E 95 19.02 -26.90 7.68
N LEU E 96 19.22 -28.18 7.99
CA LEU E 96 18.15 -28.95 8.63
C LEU E 96 17.95 -28.56 10.09
N GLU E 97 18.88 -27.79 10.63
CA GLU E 97 18.79 -27.32 12.01
C GLU E 97 17.93 -26.07 12.09
N GLU E 98 17.70 -25.45 10.93
CA GLU E 98 16.92 -24.24 10.85
C GLU E 98 15.44 -24.46 11.21
N GLU E 99 14.98 -23.74 12.24
CA GLU E 99 13.60 -23.84 12.71
C GLU E 99 12.57 -23.53 11.63
N GLU E 100 12.94 -22.74 10.62
CA GLU E 100 11.98 -22.39 9.57
C GLU E 100 11.79 -23.48 8.51
N LEU E 101 12.55 -24.56 8.60
CA LEU E 101 12.42 -25.64 7.64
C LEU E 101 11.90 -26.90 8.31
N ARG E 102 11.55 -26.80 9.59
CA ARG E 102 11.04 -27.94 10.33
C ARG E 102 10.00 -28.78 9.58
N LYS E 103 8.96 -28.12 9.09
CA LYS E 103 7.90 -28.82 8.38
C LYS E 103 8.07 -28.98 6.87
N ALA E 104 9.29 -28.78 6.38
CA ALA E 104 9.53 -28.94 4.96
C ALA E 104 9.98 -30.38 4.68
N ILE E 105 9.55 -30.93 3.54
CA ILE E 105 9.98 -32.28 3.21
C ILE E 105 11.26 -32.15 2.37
N LEU E 106 12.09 -33.19 2.40
CA LEU E 106 13.34 -33.18 1.67
C LEU E 106 13.38 -34.21 0.54
N VAL E 107 13.83 -33.77 -0.63
CA VAL E 107 13.94 -34.63 -1.81
C VAL E 107 15.33 -34.41 -2.40
N VAL E 108 16.22 -35.39 -2.21
CA VAL E 108 17.56 -35.31 -2.73
C VAL E 108 17.60 -35.87 -4.17
N PHE E 109 18.33 -35.18 -5.05
CA PHE E 109 18.47 -35.58 -6.43
C PHE E 109 19.90 -35.97 -6.66
N ALA E 110 20.14 -37.27 -6.89
CA ALA E 110 21.47 -37.78 -7.19
C ALA E 110 21.60 -37.52 -8.70
N ASN E 111 22.04 -36.32 -9.05
CA ASN E 111 22.15 -35.88 -10.43
C ASN E 111 23.38 -36.32 -11.22
N LYS E 112 23.25 -36.23 -12.54
CA LYS E 112 24.31 -36.61 -13.48
C LYS E 112 24.48 -38.14 -13.58
N GLN E 113 23.38 -38.86 -13.43
CA GLN E 113 23.44 -40.33 -13.51
C GLN E 113 23.72 -40.82 -14.95
N ASP E 114 23.92 -39.90 -15.87
CA ASP E 114 24.23 -40.27 -17.25
C ASP E 114 25.72 -40.51 -17.39
N MET E 115 26.49 -40.10 -16.38
CA MET E 115 27.94 -40.27 -16.38
C MET E 115 28.31 -41.61 -15.75
N GLU E 116 29.23 -42.32 -16.39
CA GLU E 116 29.67 -43.62 -15.92
C GLU E 116 30.21 -43.58 -14.50
N GLN E 117 30.91 -42.51 -14.15
CA GLN E 117 31.47 -42.38 -12.81
C GLN E 117 30.46 -41.89 -11.78
N ALA E 118 29.16 -41.98 -12.08
CA ALA E 118 28.13 -41.53 -11.15
C ALA E 118 27.92 -42.54 -10.04
N MET E 119 28.12 -42.14 -8.79
CA MET E 119 27.92 -43.05 -7.66
C MET E 119 26.45 -43.40 -7.47
N THR E 120 26.21 -44.58 -6.90
CA THR E 120 24.86 -45.06 -6.66
C THR E 120 24.12 -44.23 -5.61
N PRO E 121 22.78 -44.21 -5.69
CA PRO E 121 21.93 -43.47 -4.76
C PRO E 121 22.09 -43.98 -3.34
N SER E 122 22.53 -45.22 -3.19
CA SER E 122 22.72 -45.83 -1.89
C SER E 122 24.01 -45.33 -1.23
N GLU E 123 25.08 -45.23 -2.00
CA GLU E 123 26.34 -44.71 -1.45
C GLU E 123 26.10 -43.27 -1.00
N MET E 124 25.44 -42.50 -1.85
CA MET E 124 25.17 -41.11 -1.53
C MET E 124 24.35 -40.99 -0.24
N ALA E 125 23.25 -41.73 -0.15
CA ALA E 125 22.43 -41.66 1.03
C ALA E 125 23.24 -41.93 2.31
N ASN E 126 24.16 -42.89 2.25
CA ASN E 126 24.97 -43.26 3.40
C ASN E 126 25.99 -42.17 3.74
N ALA E 127 26.69 -41.65 2.73
CA ALA E 127 27.69 -40.58 2.94
C ALA E 127 27.06 -39.28 3.42
N LEU E 128 25.77 -39.08 3.15
CA LEU E 128 25.09 -37.85 3.58
C LEU E 128 24.41 -38.00 4.94
N GLY E 129 24.24 -39.26 5.37
CA GLY E 129 23.59 -39.54 6.64
C GLY E 129 22.07 -39.54 6.60
N LEU E 130 21.49 -39.61 5.41
CA LEU E 130 20.03 -39.61 5.29
C LEU E 130 19.34 -40.64 6.20
N PRO E 131 19.80 -41.90 6.17
CA PRO E 131 19.20 -42.96 7.01
C PRO E 131 19.04 -42.56 8.49
N ALA E 132 19.90 -41.66 8.96
CA ALA E 132 19.85 -41.20 10.34
C ALA E 132 18.85 -40.06 10.57
N LEU E 133 18.15 -39.65 9.51
CA LEU E 133 17.17 -38.57 9.64
C LEU E 133 15.92 -38.94 10.44
N LYS E 134 15.66 -38.18 11.50
CA LYS E 134 14.50 -38.40 12.36
C LYS E 134 13.56 -37.21 12.24
N ASP E 135 12.25 -37.48 12.16
CA ASP E 135 11.26 -36.42 12.00
C ASP E 135 11.39 -35.75 10.65
N ARG E 136 11.82 -36.54 9.66
CA ARG E 136 12.00 -36.03 8.32
C ARG E 136 11.43 -36.90 7.23
N LYS E 137 10.46 -36.37 6.51
CA LYS E 137 9.91 -37.10 5.40
C LYS E 137 10.94 -36.80 4.31
N TRP E 138 11.59 -37.83 3.79
CA TRP E 138 12.57 -37.62 2.73
C TRP E 138 12.68 -38.83 1.80
N GLN E 139 13.19 -38.59 0.60
CA GLN E 139 13.41 -39.63 -0.40
C GLN E 139 14.51 -39.15 -1.34
N ILE E 140 15.21 -40.10 -1.95
CA ILE E 140 16.29 -39.79 -2.86
C ILE E 140 16.01 -40.46 -4.22
N PHE E 141 16.31 -39.76 -5.31
CA PHE E 141 16.09 -40.27 -6.67
C PHE E 141 17.29 -39.97 -7.57
N LYS E 142 17.61 -40.87 -8.48
CA LYS E 142 18.70 -40.55 -9.39
C LYS E 142 18.13 -39.82 -10.60
N THR E 143 18.87 -38.83 -11.09
CA THR E 143 18.40 -38.01 -12.20
C THR E 143 19.44 -37.61 -13.23
N SER E 144 18.96 -37.00 -14.31
CA SER E 144 19.82 -36.47 -15.36
C SER E 144 19.12 -35.26 -15.95
N ALA E 145 19.48 -34.06 -15.47
CA ALA E 145 18.88 -32.82 -15.96
C ALA E 145 19.05 -32.71 -17.48
N THR E 146 20.24 -33.05 -17.96
CA THR E 146 20.52 -32.97 -19.39
C THR E 146 19.68 -33.94 -20.23
N LYS E 147 19.65 -35.22 -19.83
CA LYS E 147 18.90 -36.23 -20.55
C LYS E 147 17.45 -36.24 -20.14
N GLY E 148 17.13 -35.44 -19.13
CA GLY E 148 15.75 -35.35 -18.65
C GLY E 148 15.24 -36.61 -17.97
N THR E 149 16.12 -37.52 -17.62
CA THR E 149 15.70 -38.76 -16.97
C THR E 149 15.57 -38.65 -15.44
N GLY E 150 14.59 -39.35 -14.90
CA GLY E 150 14.36 -39.37 -13.46
C GLY E 150 13.53 -38.27 -12.81
N LEU E 151 13.32 -37.16 -13.50
CA LEU E 151 12.57 -36.04 -12.94
C LEU E 151 11.07 -36.27 -12.68
N ASP E 152 10.40 -36.95 -13.60
CA ASP E 152 8.98 -37.24 -13.44
C ASP E 152 8.71 -38.04 -12.18
N GLU E 153 9.48 -39.11 -11.99
CA GLU E 153 9.30 -39.93 -10.81
C GLU E 153 9.46 -39.05 -9.57
N ALA E 154 10.54 -38.26 -9.56
CA ALA E 154 10.81 -37.36 -8.45
C ALA E 154 9.63 -36.45 -8.16
N MET E 155 9.16 -35.75 -9.19
CA MET E 155 8.04 -34.82 -9.02
C MET E 155 6.76 -35.49 -8.52
N GLU E 156 6.47 -36.70 -9.00
CA GLU E 156 5.28 -37.43 -8.57
C GLU E 156 5.31 -37.60 -7.07
N TRP E 157 6.42 -38.14 -6.57
CA TRP E 157 6.59 -38.38 -5.15
C TRP E 157 6.39 -37.09 -4.38
N LEU E 158 7.08 -36.05 -4.79
CA LEU E 158 6.97 -34.74 -4.13
C LEU E 158 5.52 -34.27 -4.08
N VAL E 159 4.89 -34.19 -5.25
CA VAL E 159 3.51 -33.75 -5.33
C VAL E 159 2.59 -34.55 -4.40
N GLU E 160 2.72 -35.87 -4.41
CA GLU E 160 1.87 -36.71 -3.58
C GLU E 160 2.18 -36.66 -2.09
N THR E 161 3.44 -36.46 -1.75
CA THR E 161 3.85 -36.40 -0.37
C THR E 161 3.26 -35.15 0.30
N LEU E 162 3.27 -34.03 -0.41
CA LEU E 162 2.72 -32.81 0.17
C LEU E 162 1.20 -32.73 0.10
N LYS E 163 0.58 -33.34 -0.90
CA LYS E 163 -0.88 -33.36 -0.96
C LYS E 163 -1.38 -33.96 0.35
N SER E 164 -0.57 -34.84 0.93
CA SER E 164 -0.90 -35.46 2.19
C SER E 164 -0.76 -34.43 3.30
N ARG E 165 0.38 -34.47 4.00
CA ARG E 165 0.66 -33.55 5.09
C ARG E 165 -0.39 -33.65 6.19
N PRO F 1 33.80 -9.84 -4.03
CA PRO F 1 33.56 -9.56 -5.44
C PRO F 1 32.39 -10.34 -6.03
N THR F 2 32.24 -11.59 -5.60
CA THR F 2 31.13 -12.41 -6.04
C THR F 2 29.94 -11.89 -5.24
N GLU F 3 30.23 -11.51 -4.01
CA GLU F 3 29.25 -10.97 -3.08
C GLU F 3 28.72 -9.60 -3.53
N PHE F 4 29.58 -8.82 -4.20
CA PHE F 4 29.18 -7.51 -4.70
C PHE F 4 28.16 -7.68 -5.81
N GLU F 5 28.52 -8.50 -6.81
CA GLU F 5 27.62 -8.76 -7.93
C GLU F 5 26.31 -9.28 -7.34
N TYR F 6 26.44 -10.17 -6.36
CA TYR F 6 25.27 -10.75 -5.71
C TYR F 6 24.42 -9.61 -5.15
N LEU F 7 25.02 -8.78 -4.31
CA LEU F 7 24.34 -7.63 -3.70
C LEU F 7 23.69 -6.75 -4.77
N ARG F 8 24.45 -6.45 -5.82
CA ARG F 8 23.93 -5.63 -6.91
C ARG F 8 22.71 -6.29 -7.54
N LYS F 9 22.77 -7.61 -7.71
CA LYS F 9 21.66 -8.37 -8.29
C LYS F 9 20.40 -8.26 -7.44
N VAL F 10 20.54 -8.55 -6.15
CA VAL F 10 19.41 -8.50 -5.22
C VAL F 10 18.86 -7.08 -5.01
N LEU F 11 19.72 -6.08 -5.18
CA LEU F 11 19.31 -4.69 -5.01
C LEU F 11 18.44 -4.27 -6.19
N PHE F 12 18.86 -4.66 -7.39
CA PHE F 12 18.13 -4.35 -8.60
C PHE F 12 16.70 -4.88 -8.53
N GLU F 13 16.58 -6.15 -8.20
CA GLU F 13 15.30 -6.84 -8.07
C GLU F 13 14.38 -6.11 -7.09
N TYR F 14 14.95 -5.72 -5.95
CA TYR F 14 14.21 -5.02 -4.91
C TYR F 14 13.67 -3.67 -5.40
N MET F 15 14.53 -2.89 -6.04
CA MET F 15 14.16 -1.57 -6.53
C MET F 15 13.22 -1.59 -7.74
N MET F 16 12.99 -2.78 -8.33
CA MET F 16 12.07 -2.88 -9.45
C MET F 16 10.73 -3.40 -8.94
N GLY F 17 10.64 -3.53 -7.62
CA GLY F 17 9.42 -3.97 -6.96
C GLY F 17 9.03 -5.43 -6.98
N ARG F 18 9.97 -6.33 -7.21
CA ARG F 18 9.65 -7.77 -7.24
C ARG F 18 10.18 -8.52 -6.01
N GLU F 19 9.32 -9.31 -5.37
CA GLU F 19 9.73 -10.09 -4.20
C GLU F 19 10.49 -9.23 -3.21
N THR F 20 9.96 -8.02 -2.94
CA THR F 20 10.60 -7.05 -2.06
C THR F 20 10.87 -7.50 -0.62
N LYS F 21 9.96 -8.27 -0.04
CA LYS F 21 10.15 -8.73 1.34
C LYS F 21 11.36 -9.68 1.50
N THR F 22 11.57 -10.57 0.55
CA THR F 22 12.69 -11.51 0.63
C THR F 22 13.99 -10.79 0.32
N MET F 23 13.96 -9.95 -0.71
CA MET F 23 15.15 -9.19 -1.07
C MET F 23 15.58 -8.34 0.14
N ALA F 24 14.61 -7.83 0.90
CA ALA F 24 14.92 -7.00 2.06
C ALA F 24 15.72 -7.78 3.10
N LYS F 25 15.39 -9.06 3.27
CA LYS F 25 16.11 -9.89 4.22
C LYS F 25 17.56 -10.14 3.82
N VAL F 26 17.79 -10.49 2.56
CA VAL F 26 19.16 -10.74 2.15
C VAL F 26 20.00 -9.46 2.11
N ILE F 27 19.39 -8.33 1.76
CA ILE F 27 20.13 -7.06 1.73
C ILE F 27 20.67 -6.66 3.11
N THR F 28 19.81 -6.70 4.13
CA THR F 28 20.23 -6.33 5.48
C THR F 28 21.19 -7.32 6.11
N THR F 29 21.19 -8.56 5.62
CA THR F 29 22.10 -9.57 6.14
C THR F 29 23.47 -9.39 5.51
N VAL F 30 23.50 -9.24 4.19
CA VAL F 30 24.77 -9.06 3.47
C VAL F 30 25.53 -7.84 3.97
N LEU F 31 24.83 -6.72 4.17
CA LEU F 31 25.48 -5.50 4.63
C LEU F 31 25.60 -5.38 6.15
N LYS F 32 25.16 -6.43 6.85
CA LYS F 32 25.23 -6.47 8.32
C LYS F 32 24.54 -5.30 9.04
N PHE F 33 23.29 -5.05 8.69
CA PHE F 33 22.53 -3.97 9.32
C PHE F 33 22.34 -4.24 10.81
N PRO F 34 22.41 -3.19 11.64
CA PRO F 34 22.22 -3.40 13.07
C PRO F 34 20.82 -3.99 13.25
N ASP F 35 20.56 -4.63 14.37
CA ASP F 35 19.26 -5.24 14.57
C ASP F 35 18.07 -4.29 14.54
N ASP F 36 18.20 -3.16 15.23
CA ASP F 36 17.13 -2.17 15.27
C ASP F 36 16.60 -1.78 13.88
N GLN F 37 17.51 -1.37 12.99
CA GLN F 37 17.13 -0.96 11.64
C GLN F 37 16.49 -2.09 10.84
N THR F 38 17.10 -3.27 10.86
CA THR F 38 16.56 -4.42 10.13
C THR F 38 15.10 -4.65 10.53
N GLN F 39 14.83 -4.67 11.83
CA GLN F 39 13.45 -4.88 12.29
C GLN F 39 12.55 -3.74 11.84
N LYS F 40 13.10 -2.54 11.72
CA LYS F 40 12.32 -1.38 11.29
C LYS F 40 11.86 -1.59 9.84
N ILE F 41 12.79 -1.98 8.97
CA ILE F 41 12.51 -2.24 7.56
C ILE F 41 11.57 -3.44 7.41
N LEU F 42 11.83 -4.48 8.20
CA LEU F 42 10.97 -5.65 8.19
C LEU F 42 9.88 -5.30 9.20
N GLU F 43 8.72 -4.89 8.68
CA GLU F 43 7.55 -4.48 9.44
C GLU F 43 6.84 -3.63 8.42
N ARG F 44 7.59 -2.68 7.86
CA ARG F 44 7.04 -1.82 6.82
C ARG F 44 6.78 -2.78 5.65
N GLU F 45 7.74 -3.67 5.41
CA GLU F 45 7.62 -4.66 4.35
C GLU F 45 6.38 -5.52 4.64
N ASP F 46 6.17 -5.87 5.90
CA ASP F 46 4.99 -6.65 6.25
C ASP F 46 3.73 -5.79 6.06
N ALA F 47 3.76 -4.55 6.53
CA ALA F 47 2.61 -3.67 6.37
C ALA F 47 2.34 -3.47 4.88
N ARG F 48 3.37 -3.70 4.08
CA ARG F 48 3.30 -3.54 2.63
C ARG F 48 2.62 -4.71 1.91
N LEU F 49 2.60 -5.89 2.55
CA LEU F 49 1.97 -7.06 1.94
C LEU F 49 0.44 -7.00 2.00
N MET F 50 -0.09 -6.21 2.94
CA MET F 50 -1.54 -6.07 3.08
C MET F 50 -2.15 -5.59 1.76
N PHE F 51 -1.32 -4.99 0.93
CA PHE F 51 -1.76 -4.48 -0.36
C PHE F 51 -1.00 -5.22 -1.45
N ARG G 1 3.42 25.68 4.74
CA ARG G 1 2.51 24.60 5.22
C ARG G 1 1.12 24.76 4.62
N GLU G 2 0.50 23.65 4.25
CA GLU G 2 -0.84 23.69 3.66
C GLU G 2 -1.89 23.32 4.72
N MET G 3 -2.55 24.35 5.24
CA MET G 3 -3.56 24.18 6.27
C MET G 3 -4.87 23.64 5.71
N ARG G 4 -5.69 23.09 6.61
CA ARG G 4 -7.00 22.56 6.22
C ARG G 4 -8.06 23.28 7.06
N ILE G 5 -9.12 23.74 6.39
CA ILE G 5 -10.17 24.46 7.08
C ILE G 5 -11.57 23.86 6.89
N LEU G 6 -12.35 23.92 7.95
CA LEU G 6 -13.73 23.43 7.94
C LEU G 6 -14.67 24.61 8.12
N ILE G 7 -15.73 24.64 7.32
CA ILE G 7 -16.75 25.69 7.43
C ILE G 7 -17.94 24.96 8.03
N LEU G 8 -18.35 25.34 9.23
CA LEU G 8 -19.44 24.65 9.90
C LEU G 8 -20.55 25.61 10.36
N GLY G 9 -21.72 25.06 10.67
CA GLY G 9 -22.84 25.88 11.12
C GLY G 9 -24.16 25.28 10.67
N LEU G 10 -25.26 25.88 11.12
CA LEU G 10 -26.58 25.38 10.80
C LEU G 10 -26.97 25.58 9.33
N ASP G 11 -27.96 24.79 8.89
CA ASP G 11 -28.48 24.88 7.52
C ASP G 11 -29.01 26.31 7.23
N GLY G 12 -28.74 26.81 6.03
CA GLY G 12 -29.23 28.13 5.66
C GLY G 12 -28.36 29.32 6.08
N ALA G 13 -27.20 29.04 6.69
CA ALA G 13 -26.29 30.07 7.17
C ALA G 13 -25.56 30.80 6.05
N GLY G 14 -25.25 30.07 4.98
CA GLY G 14 -24.56 30.65 3.85
C GLY G 14 -23.18 30.06 3.67
N LYS G 15 -22.95 28.92 4.31
CA LYS G 15 -21.66 28.25 4.26
C LYS G 15 -21.18 27.96 2.83
N THR G 16 -22.04 27.35 2.03
CA THR G 16 -21.69 27.01 0.66
C THR G 16 -21.44 28.31 -0.16
N THR G 17 -22.29 29.30 0.03
CA THR G 17 -22.14 30.57 -0.67
C THR G 17 -20.78 31.19 -0.35
N ILE G 18 -20.40 31.18 0.92
CA ILE G 18 -19.09 31.70 1.35
C ILE G 18 -17.91 30.99 0.67
N LEU G 19 -17.95 29.66 0.67
CA LEU G 19 -16.88 28.84 0.06
C LEU G 19 -16.51 29.28 -1.36
N TYR G 20 -17.50 29.36 -2.24
CA TYR G 20 -17.23 29.75 -3.60
C TYR G 20 -16.94 31.23 -3.72
N ARG G 21 -17.49 32.04 -2.83
CA ARG G 21 -17.21 33.46 -2.84
C ARG G 21 -15.69 33.53 -2.68
N LEU G 22 -15.14 32.65 -1.86
CA LEU G 22 -13.69 32.59 -1.66
C LEU G 22 -13.11 31.87 -2.88
N GLN G 23 -11.95 32.33 -3.36
CA GLN G 23 -11.31 31.71 -4.52
C GLN G 23 -12.24 31.56 -5.73
N VAL G 24 -12.94 32.65 -6.07
CA VAL G 24 -13.89 32.72 -7.18
C VAL G 24 -14.81 33.91 -6.94
N GLY G 25 -15.35 34.50 -8.00
CA GLY G 25 -16.23 35.64 -7.85
C GLY G 25 -17.39 35.38 -6.91
N GLU G 26 -18.52 34.96 -7.46
CA GLU G 26 -19.71 34.64 -6.65
C GLU G 26 -20.97 34.40 -7.46
N VAL G 27 -21.53 33.20 -7.32
CA VAL G 27 -22.76 32.81 -8.00
C VAL G 27 -23.38 31.81 -7.02
N VAL G 28 -24.29 32.32 -6.20
CA VAL G 28 -24.95 31.51 -5.20
C VAL G 28 -25.87 30.45 -5.77
N THR G 29 -25.59 30.01 -7.00
CA THR G 29 -26.39 28.94 -7.56
C THR G 29 -26.14 27.87 -6.50
N THR G 30 -27.14 27.66 -5.66
CA THR G 30 -26.93 26.76 -4.53
C THR G 30 -28.19 25.97 -4.16
N ILE G 31 -27.98 24.74 -3.67
CA ILE G 31 -29.08 23.89 -3.19
C ILE G 31 -28.63 23.31 -1.83
N PRO G 32 -29.58 22.93 -0.97
CA PRO G 32 -29.20 22.37 0.34
C PRO G 32 -28.11 21.31 0.15
N THR G 33 -27.04 21.41 0.93
CA THR G 33 -25.92 20.48 0.79
C THR G 33 -26.07 19.18 1.59
N ILE G 34 -26.48 18.13 0.90
CA ILE G 34 -26.66 16.83 1.54
C ILE G 34 -25.39 16.01 1.34
N GLY G 35 -24.34 16.48 2.00
CA GLY G 35 -23.04 15.86 1.92
C GLY G 35 -22.01 16.92 2.22
N PHE G 36 -21.17 17.23 1.25
CA PHE G 36 -20.15 18.24 1.47
C PHE G 36 -19.53 18.66 0.17
N ASN G 37 -18.75 19.74 0.24
CA ASN G 37 -18.01 20.27 -0.89
C ASN G 37 -16.62 20.57 -0.36
N VAL G 38 -15.61 20.32 -1.19
CA VAL G 38 -14.22 20.60 -0.83
C VAL G 38 -13.58 21.26 -2.03
N GLU G 39 -12.89 22.36 -1.79
CA GLU G 39 -12.22 23.12 -2.85
C GLU G 39 -10.88 23.63 -2.33
N THR G 40 -9.93 23.85 -3.23
CA THR G 40 -8.65 24.38 -2.80
C THR G 40 -8.74 25.90 -2.94
N VAL G 41 -8.40 26.61 -1.88
CA VAL G 41 -8.46 28.06 -1.91
C VAL G 41 -7.10 28.68 -1.62
N THR G 42 -6.78 29.72 -2.39
CA THR G 42 -5.51 30.42 -2.21
C THR G 42 -5.78 31.85 -1.76
N TYR G 43 -5.16 32.24 -0.65
CA TYR G 43 -5.34 33.59 -0.14
C TYR G 43 -4.07 34.39 -0.44
N LYS G 44 -3.34 34.77 0.60
CA LYS G 44 -2.10 35.52 0.43
C LYS G 44 -1.09 34.53 -0.14
N ASN G 45 -1.25 34.22 -1.42
CA ASN G 45 -0.41 33.26 -2.13
C ASN G 45 -0.29 31.93 -1.37
N LEU G 46 -1.12 31.76 -0.35
CA LEU G 46 -1.12 30.52 0.44
C LEU G 46 -2.11 29.49 -0.11
N LYS G 47 -2.11 28.31 0.50
CA LYS G 47 -2.96 27.21 0.05
C LYS G 47 -3.71 26.52 1.18
N PHE G 48 -5.02 26.31 0.99
CA PHE G 48 -5.83 25.63 1.98
C PHE G 48 -6.78 24.65 1.32
N GLN G 49 -7.12 23.62 2.08
CA GLN G 49 -8.11 22.66 1.61
C GLN G 49 -9.28 23.03 2.50
N VAL G 50 -10.36 23.51 1.89
CA VAL G 50 -11.52 23.93 2.66
C VAL G 50 -12.75 23.07 2.45
N TRP G 51 -13.30 22.59 3.58
CA TRP G 51 -14.48 21.75 3.59
C TRP G 51 -15.73 22.52 3.99
N ASP G 52 -16.79 22.37 3.20
CA ASP G 52 -18.09 22.98 3.44
C ASP G 52 -19.01 21.80 3.79
N LEU G 53 -19.35 21.67 5.07
CA LEU G 53 -20.22 20.55 5.51
C LEU G 53 -21.70 20.89 5.61
N GLY G 54 -22.55 20.12 4.95
CA GLY G 54 -23.98 20.37 5.01
C GLY G 54 -24.41 20.48 6.45
N GLY G 55 -25.37 21.36 6.75
CA GLY G 55 -25.80 21.56 8.13
C GLY G 55 -27.22 21.18 8.55
N GLN G 56 -28.02 20.52 7.74
CA GLN G 56 -29.35 20.18 8.25
C GLN G 56 -29.27 19.18 9.40
N THR G 57 -30.30 19.17 10.23
CA THR G 57 -30.38 18.35 11.44
C THR G 57 -29.90 16.89 11.45
N SER G 58 -30.46 16.07 10.57
CA SER G 58 -30.10 14.66 10.53
C SER G 58 -28.63 14.34 10.26
N ILE G 59 -27.89 15.24 9.61
CA ILE G 59 -26.48 14.95 9.33
C ILE G 59 -25.42 15.71 10.16
N ARG G 60 -25.85 16.61 11.04
CA ARG G 60 -24.94 17.34 11.91
C ARG G 60 -24.12 16.38 12.80
N PRO G 61 -24.73 15.26 13.23
CA PRO G 61 -23.98 14.33 14.08
C PRO G 61 -22.69 13.77 13.45
N TYR G 62 -22.59 13.81 12.13
CA TYR G 62 -21.41 13.30 11.44
C TYR G 62 -20.29 14.32 11.21
N TRP G 63 -20.47 15.56 11.66
CA TRP G 63 -19.41 16.57 11.50
C TRP G 63 -18.10 16.08 12.14
N ARG G 64 -18.18 15.57 13.37
CA ARG G 64 -16.98 15.14 14.08
C ARG G 64 -16.12 14.10 13.34
N CYS G 65 -16.73 13.38 12.39
CA CYS G 65 -15.97 12.39 11.62
C CYS G 65 -14.88 13.11 10.78
N TYR G 66 -15.01 14.42 10.63
CA TYR G 66 -14.04 15.19 9.84
C TYR G 66 -13.05 16.05 10.64
N TYR G 67 -13.07 15.98 11.97
CA TYR G 67 -12.19 16.84 12.78
C TYR G 67 -10.67 16.60 12.82
N SER G 68 -10.23 15.42 12.41
CA SER G 68 -8.81 15.11 12.44
C SER G 68 -7.96 16.06 11.58
N ASN G 69 -6.82 16.48 12.14
CA ASN G 69 -5.91 17.41 11.46
C ASN G 69 -6.51 18.74 11.03
N THR G 70 -7.37 19.32 11.86
CA THR G 70 -7.98 20.59 11.52
C THR G 70 -7.18 21.78 12.05
N ASP G 71 -6.87 22.74 11.19
CA ASP G 71 -6.14 23.93 11.59
C ASP G 71 -7.06 25.01 12.13
N ALA G 72 -8.17 25.25 11.43
CA ALA G 72 -9.12 26.28 11.85
C ALA G 72 -10.57 26.01 11.44
N VAL G 73 -11.48 26.54 12.24
CA VAL G 73 -12.91 26.41 12.01
C VAL G 73 -13.51 27.78 11.73
N ILE G 74 -14.22 27.89 10.61
CA ILE G 74 -14.91 29.10 10.26
C ILE G 74 -16.36 28.75 10.58
N TYR G 75 -16.88 29.31 11.67
CA TYR G 75 -18.24 29.03 12.11
C TYR G 75 -19.18 30.12 11.64
N VAL G 76 -20.06 29.73 10.73
CA VAL G 76 -21.02 30.64 10.11
C VAL G 76 -22.34 30.62 10.82
N VAL G 77 -22.85 31.81 11.16
CA VAL G 77 -24.10 31.92 11.86
C VAL G 77 -24.99 32.97 11.17
N ASP G 78 -26.26 32.62 10.99
CA ASP G 78 -27.22 33.52 10.36
C ASP G 78 -27.65 34.65 11.32
N SER G 79 -27.22 35.88 11.01
CA SER G 79 -27.50 37.06 11.83
C SER G 79 -28.98 37.45 12.00
N CYS G 80 -29.88 36.94 11.13
CA CYS G 80 -31.30 37.25 11.28
C CYS G 80 -32.10 36.10 11.91
N ASP G 81 -31.45 34.97 12.17
CA ASP G 81 -32.15 33.84 12.78
C ASP G 81 -32.06 33.89 14.32
N ARG G 82 -32.97 34.66 14.92
CA ARG G 82 -33.00 34.82 16.37
C ARG G 82 -33.51 33.56 17.09
N ASP G 83 -34.41 32.82 16.43
CA ASP G 83 -34.94 31.60 17.04
C ASP G 83 -33.84 30.54 17.24
N ARG G 84 -32.95 30.40 16.27
CA ARG G 84 -31.91 29.37 16.33
C ARG G 84 -30.51 29.68 16.86
N ILE G 85 -30.26 30.90 17.36
CA ILE G 85 -28.91 31.18 17.84
C ILE G 85 -28.52 30.33 19.05
N GLY G 86 -29.52 29.92 19.85
CA GLY G 86 -29.26 29.06 20.99
C GLY G 86 -28.73 27.71 20.51
N ILE G 87 -29.27 27.21 19.40
CA ILE G 87 -28.81 25.95 18.84
C ILE G 87 -27.37 26.07 18.29
N SER G 88 -27.03 27.20 17.68
CA SER G 88 -25.67 27.35 17.18
C SER G 88 -24.68 27.32 18.36
N LYS G 89 -25.14 27.75 19.52
CA LYS G 89 -24.29 27.77 20.72
C LYS G 89 -23.99 26.33 21.17
N SER G 90 -25.03 25.51 21.25
CA SER G 90 -24.89 24.11 21.66
C SER G 90 -23.92 23.37 20.75
N GLU G 91 -24.03 23.58 19.44
CA GLU G 91 -23.14 22.90 18.52
C GLU G 91 -21.72 23.41 18.68
N LEU G 92 -21.57 24.68 19.01
CA LEU G 92 -20.24 25.28 19.20
C LEU G 92 -19.56 24.75 20.47
N VAL G 93 -20.29 24.78 21.58
CA VAL G 93 -19.78 24.26 22.86
C VAL G 93 -19.41 22.78 22.71
N ALA G 94 -20.24 22.04 21.99
CA ALA G 94 -20.02 20.62 21.78
C ALA G 94 -18.75 20.30 20.99
N MET G 95 -18.45 21.09 19.98
CA MET G 95 -17.26 20.80 19.19
C MET G 95 -15.96 21.26 19.87
N LEU G 96 -16.04 22.26 20.74
CA LEU G 96 -14.84 22.76 21.40
C LEU G 96 -14.39 21.85 22.55
N GLU G 97 -15.13 20.76 22.75
CA GLU G 97 -14.82 19.78 23.78
C GLU G 97 -13.94 18.71 23.11
N GLU G 98 -14.08 18.61 21.80
CA GLU G 98 -13.36 17.67 20.96
C GLU G 98 -11.84 17.81 21.07
N GLU G 99 -11.17 16.72 21.43
CA GLU G 99 -9.72 16.72 21.59
C GLU G 99 -8.95 17.04 20.30
N GLU G 100 -9.50 16.65 19.15
CA GLU G 100 -8.82 16.92 17.89
C GLU G 100 -8.80 18.38 17.47
N LEU G 101 -9.67 19.21 18.06
CA LEU G 101 -9.74 20.63 17.72
C LEU G 101 -9.10 21.55 18.76
N ARG G 102 -8.52 20.97 19.82
CA ARG G 102 -7.89 21.75 20.88
C ARG G 102 -6.99 22.90 20.40
N LYS G 103 -6.18 22.64 19.38
CA LYS G 103 -5.27 23.67 18.89
C LYS G 103 -5.77 24.48 17.70
N ALA G 104 -6.94 24.14 17.17
CA ALA G 104 -7.49 24.85 16.02
C ALA G 104 -7.95 26.25 16.46
N ILE G 105 -7.78 27.25 15.60
CA ILE G 105 -8.22 28.58 15.96
C ILE G 105 -9.65 28.78 15.42
N LEU G 106 -10.45 29.55 16.13
CA LEU G 106 -11.84 29.79 15.74
C LEU G 106 -12.18 31.20 15.23
N VAL G 107 -12.85 31.28 14.09
CA VAL G 107 -13.29 32.55 13.53
C VAL G 107 -14.78 32.48 13.22
N VAL G 108 -15.57 33.33 13.85
CA VAL G 108 -17.01 33.36 13.64
C VAL G 108 -17.46 34.38 12.59
N PHE G 109 -18.23 33.92 11.61
CA PHE G 109 -18.75 34.81 10.57
C PHE G 109 -20.23 35.09 10.85
N ALA G 110 -20.54 36.30 11.33
CA ALA G 110 -21.91 36.71 11.58
C ALA G 110 -22.36 37.12 10.19
N ASN G 111 -22.91 36.17 9.44
CA ASN G 111 -23.32 36.43 8.07
C ASN G 111 -24.67 37.12 7.90
N LYS G 112 -24.90 37.60 6.67
CA LYS G 112 -26.13 38.28 6.27
C LYS G 112 -26.34 39.66 6.92
N GLN G 113 -25.24 40.37 7.16
CA GLN G 113 -25.30 41.69 7.75
C GLN G 113 -25.78 42.73 6.72
N ASP G 114 -26.18 42.28 5.54
CA ASP G 114 -26.71 43.17 4.51
C ASP G 114 -28.20 43.37 4.74
N MET G 115 -28.76 42.54 5.61
CA MET G 115 -30.18 42.62 5.93
C MET G 115 -30.38 43.52 7.15
N GLU G 116 -31.42 44.33 7.09
CA GLU G 116 -31.74 45.26 8.14
C GLU G 116 -32.00 44.59 9.50
N GLN G 117 -32.63 43.41 9.45
CA GLN G 117 -32.97 42.66 10.66
C GLN G 117 -31.84 41.92 11.37
N ALA G 118 -30.63 42.02 10.86
CA ALA G 118 -29.50 41.33 11.45
C ALA G 118 -29.14 41.79 12.88
N MET G 119 -28.71 40.86 13.72
CA MET G 119 -28.28 41.19 15.09
C MET G 119 -26.87 41.76 15.00
N THR G 120 -26.42 42.45 16.05
CA THR G 120 -25.09 43.00 16.07
C THR G 120 -24.07 41.95 16.47
N PRO G 121 -22.81 42.13 16.06
CA PRO G 121 -21.72 41.21 16.37
C PRO G 121 -21.62 40.96 17.88
N SER G 122 -21.89 42.01 18.67
CA SER G 122 -21.87 41.94 20.13
C SER G 122 -22.98 41.07 20.69
N GLU G 123 -24.19 41.29 20.20
CA GLU G 123 -25.32 40.50 20.64
C GLU G 123 -24.97 39.03 20.40
N MET G 124 -24.50 38.75 19.20
CA MET G 124 -24.14 37.39 18.79
C MET G 124 -23.04 36.79 19.65
N ALA G 125 -21.93 37.52 19.82
CA ALA G 125 -20.81 37.03 20.62
C ALA G 125 -21.26 36.59 22.02
N ASN G 126 -22.10 37.40 22.66
CA ASN G 126 -22.58 37.07 24.00
C ASN G 126 -23.49 35.84 24.00
N ALA G 127 -24.43 35.78 23.04
CA ALA G 127 -25.37 34.66 22.93
C ALA G 127 -24.68 33.35 22.55
N LEU G 128 -23.47 33.44 22.00
CA LEU G 128 -22.68 32.28 21.63
C LEU G 128 -21.71 31.92 22.79
N GLY G 129 -21.60 32.81 23.76
CA GLY G 129 -20.72 32.58 24.89
C GLY G 129 -19.26 32.84 24.61
N LEU G 130 -18.95 33.59 23.57
CA LEU G 130 -17.55 33.88 23.21
C LEU G 130 -16.74 34.64 24.30
N PRO G 131 -17.37 35.59 25.00
CA PRO G 131 -16.63 36.34 26.03
C PRO G 131 -15.99 35.44 27.10
N ALA G 132 -16.57 34.27 27.32
CA ALA G 132 -16.06 33.33 28.32
C ALA G 132 -15.17 32.25 27.72
N LEU G 133 -14.68 32.44 26.51
CA LEU G 133 -13.82 31.42 25.92
C LEU G 133 -12.43 31.42 26.51
N LYS G 134 -12.03 30.27 27.03
CA LYS G 134 -10.72 30.10 27.66
C LYS G 134 -9.80 29.15 26.89
N ASP G 135 -8.53 29.55 26.77
CA ASP G 135 -7.51 28.79 26.05
C ASP G 135 -7.81 28.82 24.56
N ARG G 136 -8.54 29.84 24.13
CA ARG G 136 -8.91 29.96 22.74
C ARG G 136 -8.56 31.27 22.10
N LYS G 137 -8.02 31.19 20.89
CA LYS G 137 -7.69 32.36 20.11
C LYS G 137 -8.89 32.48 19.17
N TRP G 138 -9.78 33.44 19.44
CA TRP G 138 -10.97 33.63 18.60
C TRP G 138 -11.24 35.09 18.21
N GLN G 139 -12.25 35.28 17.37
CA GLN G 139 -12.66 36.60 16.91
C GLN G 139 -13.91 36.44 16.04
N ILE G 140 -14.77 37.45 16.03
CA ILE G 140 -16.01 37.45 15.26
C ILE G 140 -16.03 38.65 14.28
N PHE G 141 -16.52 38.42 13.06
CA PHE G 141 -16.58 39.46 12.00
C PHE G 141 -17.94 39.50 11.27
N LYS G 142 -18.38 40.67 10.82
CA LYS G 142 -19.63 40.68 10.07
C LYS G 142 -19.37 40.46 8.59
N THR G 143 -20.23 39.67 7.98
CA THR G 143 -20.08 39.33 6.57
C THR G 143 -21.38 39.32 5.78
N SER G 144 -21.24 39.35 4.46
CA SER G 144 -22.36 39.27 3.54
C SER G 144 -21.85 38.53 2.32
N ALA G 145 -22.07 37.22 2.29
CA ALA G 145 -21.63 36.38 1.18
C ALA G 145 -22.25 36.86 -0.14
N THR G 146 -23.51 37.24 -0.08
CA THR G 146 -24.18 37.72 -1.28
C THR G 146 -23.57 39.00 -1.85
N LYS G 147 -23.33 40.00 -0.99
CA LYS G 147 -22.78 41.28 -1.43
C LYS G 147 -21.25 41.30 -1.53
N GLY G 148 -20.61 40.29 -0.92
CA GLY G 148 -19.16 40.22 -0.93
C GLY G 148 -18.45 41.22 -0.02
N THR G 149 -18.96 41.44 1.18
CA THR G 149 -18.31 42.36 2.11
C THR G 149 -17.92 41.69 3.42
N GLY G 150 -16.77 42.10 3.97
CA GLY G 150 -16.32 41.55 5.24
C GLY G 150 -15.47 40.27 5.22
N LEU G 151 -15.61 39.45 4.18
CA LEU G 151 -14.85 38.21 4.08
C LEU G 151 -13.34 38.47 4.08
N ASP G 152 -12.91 39.45 3.28
CA ASP G 152 -11.49 39.77 3.22
C ASP G 152 -10.91 40.11 4.58
N GLU G 153 -11.63 40.90 5.35
CA GLU G 153 -11.15 41.30 6.67
C GLU G 153 -11.01 40.09 7.58
N ALA G 154 -11.98 39.19 7.51
CA ALA G 154 -12.00 37.96 8.30
C ALA G 154 -10.83 37.03 7.97
N MET G 155 -10.62 36.80 6.67
CA MET G 155 -9.54 35.91 6.24
C MET G 155 -8.16 36.42 6.62
N GLU G 156 -8.03 37.74 6.62
CA GLU G 156 -6.78 38.41 6.97
C GLU G 156 -6.40 38.06 8.39
N TRP G 157 -7.35 38.24 9.31
CA TRP G 157 -7.12 37.96 10.70
C TRP G 157 -6.82 36.48 10.91
N LEU G 158 -7.54 35.64 10.17
CA LEU G 158 -7.36 34.21 10.28
C LEU G 158 -5.95 33.78 9.86
N VAL G 159 -5.55 34.20 8.68
CA VAL G 159 -4.24 33.82 8.16
C VAL G 159 -3.12 34.28 9.07
N GLU G 160 -3.22 35.51 9.56
CA GLU G 160 -2.20 36.06 10.43
C GLU G 160 -2.14 35.32 11.76
N THR G 161 -3.30 34.98 12.30
CA THR G 161 -3.36 34.29 13.57
C THR G 161 -2.69 32.92 13.55
N LEU G 162 -2.79 32.21 12.43
CA LEU G 162 -2.17 30.89 12.36
C LEU G 162 -0.72 30.96 11.88
N LYS G 163 -0.38 32.00 11.11
CA LYS G 163 1.00 32.18 10.64
C LYS G 163 1.90 32.31 11.85
N SER G 164 1.31 32.75 12.96
CA SER G 164 2.03 32.91 14.21
C SER G 164 2.15 31.52 14.84
N ARG G 165 1.13 31.13 15.60
CA ARG G 165 1.12 29.82 16.25
C ARG G 165 2.48 29.50 16.89
N PRO H 1 -33.82 8.57 4.99
CA PRO H 1 -34.12 9.15 3.68
C PRO H 1 -33.07 10.17 3.21
N THR H 2 -32.82 11.18 4.03
CA THR H 2 -31.82 12.20 3.71
C THR H 2 -30.46 11.52 3.95
N GLU H 3 -30.39 10.76 5.04
CA GLU H 3 -29.18 10.05 5.40
C GLU H 3 -28.80 9.01 4.33
N PHE H 4 -29.77 8.59 3.52
CA PHE H 4 -29.50 7.62 2.47
C PHE H 4 -28.75 8.26 1.30
N GLU H 5 -29.17 9.47 0.92
CA GLU H 5 -28.53 10.20 -0.16
C GLU H 5 -27.12 10.58 0.30
N TYR H 6 -27.01 10.94 1.58
CA TYR H 6 -25.74 11.34 2.21
C TYR H 6 -24.75 10.18 2.09
N LEU H 7 -25.18 8.99 2.48
CA LEU H 7 -24.35 7.79 2.41
C LEU H 7 -23.98 7.49 0.96
N ARG H 8 -24.95 7.62 0.06
CA ARG H 8 -24.68 7.37 -1.36
C ARG H 8 -23.57 8.31 -1.82
N LYS H 9 -23.51 9.48 -1.18
CA LYS H 9 -22.53 10.49 -1.50
C LYS H 9 -21.16 10.14 -0.98
N VAL H 10 -21.10 9.83 0.31
CA VAL H 10 -19.84 9.47 0.96
C VAL H 10 -19.23 8.21 0.33
N LEU H 11 -20.11 7.26 -0.01
CA LEU H 11 -19.69 6.00 -0.61
C LEU H 11 -19.11 6.24 -1.99
N PHE H 12 -19.82 7.02 -2.81
CA PHE H 12 -19.34 7.32 -4.17
C PHE H 12 -17.91 7.83 -4.13
N GLU H 13 -17.70 8.91 -3.38
CA GLU H 13 -16.39 9.50 -3.25
C GLU H 13 -15.34 8.46 -2.82
N TYR H 14 -15.70 7.60 -1.88
CA TYR H 14 -14.79 6.57 -1.39
C TYR H 14 -14.42 5.59 -2.50
N MET H 15 -15.43 5.08 -3.19
CA MET H 15 -15.18 4.12 -4.26
C MET H 15 -14.37 4.73 -5.40
N MET H 16 -14.51 6.03 -5.63
CA MET H 16 -13.72 6.67 -6.67
C MET H 16 -12.32 6.94 -6.13
N GLY H 17 -12.08 6.51 -4.90
CA GLY H 17 -10.78 6.68 -4.29
C GLY H 17 -10.37 8.08 -3.86
N ARG H 18 -11.34 8.91 -3.46
CA ARG H 18 -11.05 10.27 -3.02
C ARG H 18 -11.20 10.45 -1.52
N GLU H 19 -10.16 10.97 -0.87
CA GLU H 19 -10.20 11.22 0.58
C GLU H 19 -10.76 9.98 1.29
N THR H 20 -10.25 8.81 0.93
CA THR H 20 -10.74 7.54 1.47
C THR H 20 -10.80 7.34 2.99
N LYS H 21 -9.75 7.76 3.70
CA LYS H 21 -9.71 7.60 5.15
C LYS H 21 -10.86 8.36 5.86
N THR H 22 -11.09 9.61 5.45
CA THR H 22 -12.17 10.39 6.05
C THR H 22 -13.51 9.76 5.70
N MET H 23 -13.67 9.39 4.44
CA MET H 23 -14.92 8.77 4.01
C MET H 23 -15.19 7.45 4.77
N ALA H 24 -14.13 6.70 5.09
CA ALA H 24 -14.29 5.44 5.81
C ALA H 24 -14.82 5.67 7.23
N LYS H 25 -14.40 6.78 7.85
CA LYS H 25 -14.86 7.12 9.20
C LYS H 25 -16.33 7.47 9.22
N VAL H 26 -16.81 8.19 8.19
CA VAL H 26 -18.22 8.53 8.18
C VAL H 26 -19.04 7.30 7.73
N ILE H 27 -18.53 6.51 6.81
CA ILE H 27 -19.25 5.33 6.37
C ILE H 27 -19.44 4.34 7.54
N THR H 28 -18.39 4.12 8.32
CA THR H 28 -18.47 3.19 9.45
C THR H 28 -19.31 3.76 10.58
N THR H 29 -19.44 5.08 10.66
CA THR H 29 -20.24 5.71 11.73
C THR H 29 -21.72 5.65 11.36
N VAL H 30 -22.05 6.10 10.14
CA VAL H 30 -23.43 6.07 9.65
C VAL H 30 -24.08 4.68 9.75
N LEU H 31 -23.39 3.64 9.26
CA LEU H 31 -23.93 2.27 9.30
C LEU H 31 -23.67 1.56 10.61
N LYS H 32 -23.17 2.28 11.61
CA LYS H 32 -22.91 1.69 12.92
C LYS H 32 -22.16 0.36 12.88
N PHE H 33 -20.98 0.34 12.29
CA PHE H 33 -20.19 -0.90 12.24
C PHE H 33 -19.68 -1.22 13.63
N PRO H 34 -19.48 -2.51 13.94
CA PRO H 34 -19.00 -2.90 15.26
C PRO H 34 -17.52 -2.54 15.39
N ASP H 35 -17.13 -2.03 16.55
CA ASP H 35 -15.75 -1.61 16.80
C ASP H 35 -14.65 -2.44 16.16
N ASP H 36 -14.69 -3.75 16.38
CA ASP H 36 -13.68 -4.64 15.82
C ASP H 36 -13.46 -4.46 14.32
N GLN H 37 -14.55 -4.42 13.55
CA GLN H 37 -14.45 -4.25 12.11
C GLN H 37 -14.05 -2.82 11.74
N THR H 38 -14.64 -1.85 12.43
CA THR H 38 -14.33 -0.46 12.18
C THR H 38 -12.82 -0.27 12.30
N GLN H 39 -12.22 -0.89 13.32
CA GLN H 39 -10.78 -0.77 13.54
C GLN H 39 -9.98 -1.47 12.46
N LYS H 40 -10.46 -2.64 12.03
CA LYS H 40 -9.78 -3.39 10.99
C LYS H 40 -9.68 -2.52 9.73
N ILE H 41 -10.79 -1.86 9.39
CA ILE H 41 -10.88 -0.97 8.23
C ILE H 41 -9.95 0.24 8.42
N LEU H 42 -10.02 0.83 9.61
CA LEU H 42 -9.20 2.00 9.93
C LEU H 42 -7.85 1.55 10.50
N GLU H 43 -7.00 1.07 9.61
CA GLU H 43 -5.66 0.59 9.93
C GLU H 43 -5.09 0.24 8.56
N ARG H 44 -5.91 -0.46 7.79
CA ARG H 44 -5.54 -0.80 6.44
C ARG H 44 -5.53 0.57 5.76
N GLU H 45 -6.50 1.40 6.15
CA GLU H 45 -6.62 2.75 5.61
C GLU H 45 -5.38 3.57 6.03
N ASP H 46 -4.93 3.38 7.27
CA ASP H 46 -3.75 4.11 7.72
C ASP H 46 -2.51 3.61 6.99
N ALA H 47 -2.43 2.30 6.78
CA ALA H 47 -1.30 1.72 6.07
C ALA H 47 -1.34 2.19 4.62
N ARG H 48 -2.54 2.38 4.11
CA ARG H 48 -2.74 2.83 2.74
C ARG H 48 -2.09 4.20 2.53
N LEU H 49 -2.17 5.06 3.53
CA LEU H 49 -1.58 6.40 3.43
C LEU H 49 -0.08 6.41 3.17
N MET H 50 0.61 5.35 3.58
CA MET H 50 2.04 5.27 3.38
C MET H 50 2.39 5.21 1.88
N PHE H 51 1.39 5.48 1.05
CA PHE H 51 1.53 5.50 -0.40
C PHE H 51 0.58 6.56 -0.98
#